data_8RHQ
#
_entry.id   8RHQ
#
_cell.length_a   85.492
_cell.length_b   85.492
_cell.length_c   312.028
_cell.angle_alpha   90.000
_cell.angle_beta   90.000
_cell.angle_gamma   120.000
#
_symmetry.space_group_name_H-M   'P 31 2 1'
#
loop_
_entity.id
_entity.type
_entity.pdbx_description
1 polymer 'HLA class I histocompatibility antigen'
2 polymer Beta-2-microglobulin
3 polymer "Spike protein S2'"
4 non-polymer 1,2-ETHANEDIOL
5 non-polymer 'SODIUM ION'
6 non-polymer DI(HYDROXYETHYL)ETHER
7 non-polymer 'CHLORIDE ION'
8 non-polymer 'MAGNESIUM ION'
9 water water
#
loop_
_entity_poly.entity_id
_entity_poly.type
_entity_poly.pdbx_seq_one_letter_code
_entity_poly.pdbx_strand_id
1 'polypeptide(L)'
;MAVMAPRTLLLLLSGALALTQTWAGSHSMRYFYTSVSRPGRGEPRFIAVGYVDDTQFVRFDSDAASQRMEPRAPWIEQEG
PEYWDQETRNVKAQSQTDRVDLGTLRGYYNQSEDGSHTIQIMYGCDVGPDGRFLRGYRQDAYDGKDYIALNEDLRSWTAA
DMAAQITKRKWEAAHAAEQQRAYLEGRCVEWLRRYLENGKETLQRTDPPKTHMTHHPISDHEATLRCWALGFYPAEITLT
WQRDGEDQTQDTELVETRPAGDGTFQKWAAVVVPSGEEQRYTCHVQHEGLPKPLTLRWELSSQPTIPIVGIIAGLVLLGA
VITGAVVAAVMWRRKSSDRKGGSYTQAASSDSAQGSDVSLTACKV
;
A,C,E
2 'polypeptide(L)'
;MIQRTPKIQVYSRHPAENGKSNFLNCYVSGFHPSDIEVDLLKNGERIEKVEHSDLSFSKDWSFYLLYYTEFTPTEKDEYA
CRVNHVTLSQPKIVKWDRDM
;
B,D,F
3 'polypeptide(L)' SVLNDIFSRL G,H,I
#
# COMPACT_ATOMS: atom_id res chain seq x y z
N GLY A 25 -13.10 29.83 11.80
CA GLY A 25 -12.39 29.18 10.70
C GLY A 25 -10.89 29.40 10.74
N SER A 26 -10.34 29.41 11.95
CA SER A 26 -8.91 29.57 12.16
C SER A 26 -8.21 28.22 12.09
N HIS A 27 -6.91 28.26 11.76
CA HIS A 27 -6.14 27.04 11.60
C HIS A 27 -4.75 27.24 12.19
N SER A 28 -4.08 26.13 12.45
CA SER A 28 -2.77 26.14 13.07
C SER A 28 -1.84 25.17 12.35
N MET A 29 -0.56 25.49 12.32
CA MET A 29 0.47 24.52 11.98
C MET A 29 1.41 24.38 13.16
N ARG A 30 1.74 23.14 13.51
CA ARG A 30 2.62 22.88 14.63
C ARG A 30 3.63 21.80 14.25
N TYR A 31 4.87 22.01 14.70
CA TYR A 31 5.93 21.02 14.65
C TYR A 31 6.33 20.65 16.06
N PHE A 32 6.63 19.38 16.26
CA PHE A 32 7.01 18.80 17.54
C PHE A 32 8.28 18.00 17.34
N TYR A 33 9.40 18.49 17.88
CA TYR A 33 10.68 17.81 17.80
C TYR A 33 11.02 17.21 19.15
N THR A 34 11.49 15.96 19.16
CA THR A 34 11.95 15.29 20.36
C THR A 34 13.33 14.70 20.12
N SER A 35 14.27 15.01 21.01
CA SER A 35 15.60 14.41 21.02
C SER A 35 15.81 13.68 22.34
N VAL A 36 16.18 12.40 22.28
CA VAL A 36 16.34 11.58 23.48
C VAL A 36 17.76 11.00 23.48
N SER A 37 18.54 11.35 24.50
CA SER A 37 19.90 10.83 24.59
C SER A 37 19.87 9.38 25.02
N ARG A 38 20.83 8.60 24.51
CA ARG A 38 20.90 7.17 24.80
C ARG A 38 22.29 6.83 25.33
N PRO A 39 22.39 6.17 26.50
CA PRO A 39 23.67 5.76 27.12
C PRO A 39 24.51 4.87 26.20
N GLU A 43 24.52 8.10 19.87
CA GLU A 43 23.75 9.10 19.15
C GLU A 43 22.28 9.12 19.62
N PRO A 44 21.76 10.30 19.92
CA PRO A 44 20.39 10.40 20.44
C PRO A 44 19.35 10.03 19.38
N ARG A 45 18.22 9.54 19.87
CA ARG A 45 17.04 9.32 19.03
C ARG A 45 16.34 10.65 18.79
N PHE A 46 16.01 10.94 17.53
CA PHE A 46 15.35 12.19 17.16
C PHE A 46 14.10 11.89 16.34
N ILE A 47 12.98 12.49 16.73
CA ILE A 47 11.70 12.33 16.03
C ILE A 47 11.06 13.69 15.86
N ALA A 48 10.66 14.03 14.64
CA ALA A 48 9.91 15.24 14.37
C ALA A 48 8.60 14.88 13.70
N VAL A 49 7.52 15.54 14.11
CA VAL A 49 6.22 15.37 13.49
C VAL A 49 5.64 16.75 13.20
N GLY A 50 4.95 16.86 12.08
CA GLY A 50 4.29 18.11 11.71
C GLY A 50 2.79 17.91 11.63
N TYR A 51 2.05 18.89 12.13
CA TYR A 51 0.59 18.84 12.16
C TYR A 51 0.02 20.10 11.54
N VAL A 52 -1.09 19.94 10.83
CA VAL A 52 -1.99 21.03 10.52
C VAL A 52 -3.28 20.72 11.29
N ASP A 53 -3.67 21.63 12.18
CA ASP A 53 -4.75 21.35 13.12
C ASP A 53 -4.50 20.02 13.81
N ASP A 54 -5.44 19.07 13.71
CA ASP A 54 -5.30 17.78 14.36
C ASP A 54 -4.81 16.68 13.41
N THR A 55 -4.29 17.05 12.25
CA THR A 55 -3.89 16.10 11.22
C THR A 55 -2.36 16.09 11.10
N GLN A 56 -1.73 14.97 11.44
CA GLN A 56 -0.30 14.84 11.20
C GLN A 56 -0.06 14.68 9.70
N PHE A 57 0.95 15.37 9.19
CA PHE A 57 1.24 15.30 7.76
C PHE A 57 2.67 15.02 7.39
N VAL A 58 3.64 15.14 8.31
CA VAL A 58 5.03 14.76 8.04
C VAL A 58 5.61 14.11 9.28
N ARG A 59 6.70 13.37 9.06
CA ARG A 59 7.44 12.79 10.16
C ARG A 59 8.89 12.62 9.74
N PHE A 60 9.77 12.65 10.73
CA PHE A 60 11.16 12.27 10.55
C PHE A 60 11.59 11.46 11.76
N ASP A 61 12.25 10.34 11.52
CA ASP A 61 12.74 9.47 12.58
C ASP A 61 14.20 9.15 12.36
N SER A 62 14.99 9.21 13.43
CA SER A 62 16.42 8.94 13.32
C SER A 62 16.72 7.45 13.23
N ASP A 63 15.88 6.61 13.84
CA ASP A 63 16.10 5.17 13.78
C ASP A 63 15.60 4.57 12.48
N ALA A 64 14.55 5.13 11.89
CA ALA A 64 14.15 4.76 10.54
C ALA A 64 15.17 5.35 9.58
N ALA A 65 16.07 4.51 9.09
CA ALA A 65 17.16 4.94 8.22
C ALA A 65 16.60 5.43 6.89
N SER A 66 17.48 5.66 5.92
CA SER A 66 17.17 6.52 4.78
C SER A 66 16.58 7.82 5.31
N GLN A 67 17.28 8.37 6.30
CA GLN A 67 16.79 9.48 7.13
C GLN A 67 16.26 10.61 6.26
N ARG A 68 14.94 10.70 6.19
CA ARG A 68 14.28 11.60 5.27
C ARG A 68 12.93 11.98 5.86
N MET A 69 12.55 13.25 5.70
CA MET A 69 11.19 13.65 6.03
C MET A 69 10.21 12.89 5.15
N GLU A 70 9.27 12.18 5.78
CA GLU A 70 8.34 11.32 5.05
C GLU A 70 6.91 11.84 5.14
N PRO A 71 6.11 11.65 4.09
CA PRO A 71 4.70 12.05 4.14
C PRO A 71 3.90 11.17 5.08
N ARG A 72 2.92 11.79 5.75
CA ARG A 72 1.99 11.08 6.62
C ARG A 72 0.55 11.47 6.34
N ALA A 73 0.30 12.19 5.25
CA ALA A 73 -1.02 12.57 4.79
C ALA A 73 -0.98 12.55 3.27
N PRO A 74 -2.06 12.12 2.61
CA PRO A 74 -2.01 11.99 1.14
C PRO A 74 -1.87 13.32 0.42
N TRP A 75 -2.37 14.42 1.00
CA TRP A 75 -2.32 15.71 0.32
C TRP A 75 -0.95 16.36 0.37
N ILE A 76 -0.03 15.88 1.19
CA ILE A 76 1.33 16.38 1.13
C ILE A 76 2.17 15.58 0.14
N GLU A 77 1.77 14.35 -0.17
CA GLU A 77 2.51 13.50 -1.10
C GLU A 77 2.75 14.18 -2.43
N GLN A 78 1.95 15.20 -2.77
CA GLN A 78 2.11 15.88 -4.05
C GLN A 78 3.29 16.84 -4.08
N GLU A 79 3.97 17.04 -2.96
CA GLU A 79 5.15 17.90 -2.97
C GLU A 79 6.29 17.23 -3.70
N GLY A 80 7.11 18.02 -4.38
CA GLY A 80 8.17 17.49 -5.20
C GLY A 80 9.35 17.02 -4.38
N PRO A 81 10.26 16.26 -5.00
CA PRO A 81 11.43 15.77 -4.25
C PRO A 81 12.29 16.89 -3.70
N GLU A 82 12.28 18.07 -4.31
CA GLU A 82 13.05 19.19 -3.78
C GLU A 82 12.52 19.65 -2.42
N TYR A 83 11.19 19.65 -2.26
CA TYR A 83 10.60 19.96 -0.95
C TYR A 83 11.11 18.99 0.10
N TRP A 84 11.04 17.68 -0.18
CA TRP A 84 11.46 16.70 0.81
C TRP A 84 12.95 16.80 1.10
N ASP A 85 13.74 17.26 0.13
CA ASP A 85 15.17 17.47 0.36
C ASP A 85 15.40 18.59 1.36
N GLN A 86 14.76 19.75 1.13
CA GLN A 86 14.96 20.88 2.03
C GLN A 86 14.41 20.60 3.42
N GLU A 87 13.24 19.97 3.53
CA GLU A 87 12.70 19.64 4.84
C GLU A 87 13.64 18.69 5.58
N THR A 88 14.13 17.65 4.88
CA THR A 88 15.09 16.74 5.48
C THR A 88 16.33 17.48 5.96
N ARG A 89 16.86 18.36 5.11
CA ARG A 89 18.05 19.13 5.46
C ARG A 89 17.82 19.98 6.71
N ASN A 90 16.73 20.76 6.72
CA ASN A 90 16.52 21.71 7.80
C ASN A 90 16.13 21.03 9.10
N VAL A 91 15.44 19.88 9.03
CA VAL A 91 15.10 19.18 10.25
C VAL A 91 16.33 18.47 10.81
N LYS A 92 17.23 17.98 9.93
CA LYS A 92 18.47 17.35 10.39
C LYS A 92 19.38 18.39 11.04
N ALA A 93 19.39 19.60 10.50
CA ALA A 93 20.22 20.66 11.07
C ALA A 93 19.82 20.96 12.51
N GLN A 94 18.52 21.02 12.80
CA GLN A 94 18.11 21.25 14.18
C GLN A 94 18.50 20.08 15.09
N SER A 95 18.32 18.85 14.60
CA SER A 95 18.64 17.68 15.41
C SER A 95 20.13 17.63 15.77
N GLN A 96 20.99 18.03 14.84
CA GLN A 96 22.42 18.08 15.16
C GLN A 96 22.70 19.07 16.28
N THR A 97 22.05 20.24 16.24
CA THR A 97 22.26 21.21 17.30
C THR A 97 21.67 20.73 18.62
N ASP A 98 20.47 20.12 18.56
CA ASP A 98 19.89 19.54 19.76
C ASP A 98 20.78 18.44 20.33
N ARG A 99 21.40 17.65 19.45
CA ARG A 99 22.30 16.59 19.89
C ARG A 99 23.48 17.16 20.69
N VAL A 100 24.10 18.23 20.18
CA VAL A 100 25.19 18.88 20.90
C VAL A 100 24.69 19.43 22.24
N ASP A 101 23.57 20.17 22.20
CA ASP A 101 23.07 20.80 23.42
C ASP A 101 22.77 19.76 24.51
N LEU A 102 22.34 18.56 24.10
CA LEU A 102 22.13 17.48 25.07
C LEU A 102 23.42 17.13 25.81
N GLY A 103 24.53 17.03 25.07
CA GLY A 103 25.80 16.79 25.72
C GLY A 103 26.22 17.94 26.62
N THR A 104 26.04 19.19 26.15
CA THR A 104 26.44 20.34 26.96
C THR A 104 25.63 20.42 28.25
N LEU A 105 24.30 20.21 28.15
CA LEU A 105 23.47 20.25 29.35
C LEU A 105 23.79 19.12 30.31
N ARG A 106 24.12 17.92 29.79
CA ARG A 106 24.55 16.83 30.65
C ARG A 106 25.75 17.22 31.49
N GLY A 107 26.74 17.88 30.88
CA GLY A 107 27.90 18.33 31.64
C GLY A 107 27.60 19.50 32.54
N TYR A 108 26.72 20.41 32.09
CA TYR A 108 26.35 21.55 32.90
C TYR A 108 25.72 21.11 34.22
N TYR A 109 24.80 20.14 34.17
CA TYR A 109 24.07 19.69 35.33
C TYR A 109 24.69 18.45 35.98
N ASN A 110 25.89 18.03 35.55
CA ASN A 110 26.59 16.89 36.16
C ASN A 110 25.75 15.63 36.16
N GLN A 111 24.98 15.41 35.09
CA GLN A 111 24.08 14.28 35.02
C GLN A 111 24.82 13.04 34.54
N SER A 112 24.53 11.91 35.18
CA SER A 112 25.27 10.67 34.93
C SER A 112 25.21 10.27 33.46
N GLU A 113 26.27 9.61 33.01
CA GLU A 113 26.43 9.24 31.60
C GLU A 113 25.61 8.02 31.21
N ASP A 114 25.08 7.27 32.17
CA ASP A 114 24.22 6.13 31.91
C ASP A 114 22.74 6.49 31.98
N GLY A 115 22.41 7.78 32.09
CA GLY A 115 21.03 8.23 32.09
C GLY A 115 20.61 8.77 30.73
N SER A 116 19.31 8.99 30.59
CA SER A 116 18.74 9.48 29.33
C SER A 116 18.04 10.82 29.57
N HIS A 117 18.23 11.76 28.65
CA HIS A 117 17.68 13.10 28.80
C HIS A 117 17.04 13.53 27.49
N THR A 118 16.22 14.59 27.57
CA THR A 118 15.33 14.94 26.48
C THR A 118 15.35 16.44 26.21
N ILE A 119 15.42 16.81 24.92
CA ILE A 119 15.15 18.16 24.47
C ILE A 119 13.95 18.11 23.54
N GLN A 120 12.95 18.93 23.82
CA GLN A 120 11.75 19.04 22.98
C GLN A 120 11.61 20.47 22.47
N ILE A 121 11.11 20.59 21.23
CA ILE A 121 10.74 21.88 20.66
C ILE A 121 9.32 21.78 20.14
N MET A 122 8.49 22.77 20.48
CA MET A 122 7.22 22.97 19.79
C MET A 122 7.24 24.35 19.16
N TYR A 123 6.80 24.44 17.90
CA TYR A 123 6.69 25.75 17.27
C TYR A 123 5.65 25.71 16.15
N GLY A 124 5.22 26.88 15.74
CA GLY A 124 4.30 27.00 14.62
C GLY A 124 3.49 28.26 14.73
N CYS A 125 2.46 28.35 13.89
CA CYS A 125 1.73 29.59 13.70
C CYS A 125 0.23 29.32 13.55
N ASP A 126 -0.56 30.35 13.83
CA ASP A 126 -2.01 30.34 13.64
C ASP A 126 -2.41 31.39 12.63
N VAL A 127 -3.38 31.07 11.78
CA VAL A 127 -3.94 32.02 10.82
C VAL A 127 -5.43 32.09 11.05
N GLY A 128 -6.03 33.24 10.73
CA GLY A 128 -7.46 33.39 10.81
C GLY A 128 -8.12 32.97 9.52
N PRO A 129 -9.43 33.22 9.40
CA PRO A 129 -10.14 32.87 8.17
C PRO A 129 -9.61 33.59 6.94
N ASP A 130 -9.13 34.83 7.09
CA ASP A 130 -8.53 35.54 5.97
C ASP A 130 -7.12 35.06 5.63
N GLY A 131 -6.61 34.06 6.33
CA GLY A 131 -5.29 33.52 6.05
C GLY A 131 -4.15 34.30 6.66
N ARG A 132 -4.44 35.36 7.40
CA ARG A 132 -3.40 36.22 7.94
C ARG A 132 -2.91 35.72 9.29
N PHE A 133 -1.65 36.04 9.59
CA PHE A 133 -1.02 35.64 10.84
C PHE A 133 -1.84 36.08 12.05
N LEU A 134 -2.12 35.13 12.95
CA LEU A 134 -2.73 35.47 14.23
C LEU A 134 -1.73 35.45 15.39
N ARG A 135 -0.93 34.39 15.50
CA ARG A 135 0.03 34.29 16.59
C ARG A 135 1.05 33.23 16.24
N GLY A 136 2.18 33.29 16.94
CA GLY A 136 3.27 32.38 16.68
C GLY A 136 3.81 31.81 17.98
N TYR A 137 4.49 30.67 17.86
CA TYR A 137 5.01 29.95 19.01
C TYR A 137 6.40 29.41 18.70
N ARG A 138 7.30 29.48 19.69
CA ARG A 138 8.55 28.73 19.62
C ARG A 138 9.02 28.54 21.07
N GLN A 139 8.99 27.30 21.56
CA GLN A 139 9.31 27.05 22.96
C GLN A 139 10.00 25.71 23.09
N ASP A 140 10.90 25.62 24.06
CA ASP A 140 11.75 24.45 24.22
C ASP A 140 11.64 23.91 25.65
N ALA A 141 11.85 22.61 25.80
CA ALA A 141 11.85 21.97 27.11
C ALA A 141 13.07 21.08 27.26
N TYR A 142 13.64 21.04 28.46
CA TYR A 142 14.68 20.08 28.78
C TYR A 142 14.17 19.19 29.90
N ASP A 143 14.29 17.88 29.70
CA ASP A 143 13.83 16.89 30.68
C ASP A 143 12.40 17.14 31.14
N GLY A 144 11.55 17.57 30.21
CA GLY A 144 10.14 17.70 30.48
C GLY A 144 9.72 18.98 31.16
N LYS A 145 10.64 19.91 31.39
CA LYS A 145 10.33 21.19 32.01
C LYS A 145 10.64 22.32 31.02
N ASP A 146 9.84 23.39 31.10
CA ASP A 146 10.10 24.60 30.32
C ASP A 146 11.57 24.99 30.38
N TYR A 147 12.16 25.22 29.22
CA TYR A 147 13.53 25.71 29.14
C TYR A 147 13.54 27.16 28.66
N ILE A 148 13.06 27.42 27.45
CA ILE A 148 12.94 28.79 26.96
C ILE A 148 11.77 28.82 25.98
N ALA A 149 11.09 29.97 25.94
CA ALA A 149 9.91 30.17 25.11
C ALA A 149 9.89 31.58 24.55
N LEU A 150 9.51 31.71 23.28
CA LEU A 150 9.30 33.01 22.68
C LEU A 150 8.01 33.61 23.20
N ASN A 151 8.08 34.85 23.68
CA ASN A 151 6.90 35.51 24.21
C ASN A 151 5.97 35.92 23.08
N GLU A 152 4.73 36.27 23.45
CA GLU A 152 3.70 36.57 22.46
C GLU A 152 4.10 37.72 21.54
N ASP A 153 4.85 38.70 22.05
CA ASP A 153 5.29 39.81 21.20
C ASP A 153 6.28 39.37 20.13
N LEU A 154 6.80 38.15 20.22
CA LEU A 154 7.77 37.61 19.28
C LEU A 154 9.06 38.40 19.28
N ARG A 155 9.32 39.16 20.34
CA ARG A 155 10.54 39.93 20.45
C ARG A 155 11.39 39.59 21.67
N SER A 156 10.83 38.92 22.66
CA SER A 156 11.52 38.64 23.91
C SER A 156 11.31 37.18 24.31
N TRP A 157 12.15 36.71 25.24
CA TRP A 157 12.14 35.32 25.67
C TRP A 157 11.80 35.21 27.14
N THR A 158 11.12 34.11 27.51
CA THR A 158 10.93 33.72 28.90
C THR A 158 11.75 32.46 29.14
N ALA A 159 12.71 32.53 30.05
CA ALA A 159 13.63 31.42 30.25
C ALA A 159 13.58 30.92 31.68
N ALA A 160 13.80 29.61 31.85
CA ALA A 160 13.90 29.01 33.16
C ALA A 160 15.19 29.47 33.84
N ASP A 161 15.50 28.90 35.00
CA ASP A 161 16.69 29.28 35.73
C ASP A 161 17.92 28.52 35.23
N MET A 162 19.09 28.98 35.70
N MET A 162 19.09 28.97 35.69
CA MET A 162 20.39 28.35 35.47
CA MET A 162 20.38 28.31 35.48
C MET A 162 20.70 28.33 33.97
C MET A 162 20.71 28.32 33.99
N ALA A 163 20.85 27.16 33.32
CA ALA A 163 21.41 27.14 31.97
C ALA A 163 20.54 27.90 30.97
N ALA A 164 19.22 27.90 31.15
CA ALA A 164 18.35 28.61 30.22
C ALA A 164 18.61 30.11 30.24
N GLN A 165 19.05 30.64 31.39
CA GLN A 165 19.44 32.05 31.45
C GLN A 165 20.63 32.34 30.57
N ILE A 166 21.56 31.39 30.43
CA ILE A 166 22.66 31.58 29.50
C ILE A 166 22.16 31.54 28.07
N THR A 167 21.24 30.63 27.77
CA THR A 167 20.65 30.57 26.43
C THR A 167 19.96 31.88 26.09
N LYS A 168 19.17 32.41 27.03
CA LYS A 168 18.49 33.67 26.79
C LYS A 168 19.47 34.79 26.47
N ARG A 169 20.57 34.89 27.24
N ARG A 169 20.56 34.87 27.25
CA ARG A 169 21.56 35.90 26.93
CA ARG A 169 21.61 35.86 26.99
C ARG A 169 22.16 35.69 25.56
C ARG A 169 22.19 35.68 25.60
N LYS A 170 22.46 34.44 25.21
CA LYS A 170 23.04 34.17 23.90
C LYS A 170 22.07 34.49 22.77
N TRP A 171 20.80 34.12 22.95
CA TRP A 171 19.82 34.33 21.89
C TRP A 171 19.46 35.81 21.73
N GLU A 172 19.53 36.59 22.81
CA GLU A 172 19.36 38.04 22.69
C GLU A 172 20.52 38.65 21.93
N ALA A 173 21.74 38.20 22.20
CA ALA A 173 22.91 38.71 21.50
C ALA A 173 22.92 38.32 20.03
N ALA A 174 22.42 37.13 19.70
CA ALA A 174 22.40 36.68 18.32
C ALA A 174 21.19 37.22 17.54
N HIS A 175 20.29 37.96 18.19
CA HIS A 175 19.03 38.40 17.57
C HIS A 175 18.25 37.22 17.00
N ALA A 176 18.19 36.13 17.77
CA ALA A 176 17.43 34.96 17.34
C ALA A 176 15.93 35.24 17.26
N ALA A 177 15.40 36.08 18.15
CA ALA A 177 13.96 36.33 18.14
C ALA A 177 13.50 36.93 16.81
N GLU A 178 14.27 37.89 16.28
CA GLU A 178 13.95 38.47 14.97
C GLU A 178 13.93 37.39 13.89
N GLN A 179 14.90 36.47 13.91
CA GLN A 179 14.91 35.41 12.92
C GLN A 179 13.77 34.43 13.13
N GLN A 180 13.45 34.11 14.39
CA GLN A 180 12.32 33.23 14.65
C GLN A 180 11.00 33.88 14.25
N ARG A 181 10.85 35.17 14.55
CA ARG A 181 9.64 35.89 14.20
C ARG A 181 9.45 35.92 12.68
N ALA A 182 10.54 36.12 11.94
CA ALA A 182 10.46 36.11 10.48
C ALA A 182 9.91 34.80 9.96
N TYR A 183 10.35 33.67 10.53
CA TYR A 183 9.80 32.38 10.12
C TYR A 183 8.31 32.31 10.45
N LEU A 184 7.94 32.64 11.68
CA LEU A 184 6.56 32.41 12.13
C LEU A 184 5.58 33.29 11.36
N GLU A 185 5.93 34.56 11.14
CA GLU A 185 5.09 35.47 10.39
C GLU A 185 5.23 35.33 8.88
N GLY A 186 6.23 34.57 8.42
CA GLY A 186 6.50 34.47 6.99
C GLY A 186 6.28 33.09 6.42
N ARG A 187 7.34 32.29 6.34
CA ARG A 187 7.27 30.97 5.74
C ARG A 187 6.21 30.09 6.41
N CYS A 188 6.10 30.18 7.74
CA CYS A 188 5.16 29.32 8.46
C CYS A 188 3.74 29.55 7.97
N VAL A 189 3.29 30.81 7.97
CA VAL A 189 1.95 31.16 7.53
C VAL A 189 1.79 30.89 6.04
N GLU A 190 2.80 31.22 5.25
CA GLU A 190 2.72 31.03 3.80
C GLU A 190 2.48 29.56 3.47
N TRP A 191 3.24 28.66 4.10
CA TRP A 191 3.07 27.24 3.79
C TRP A 191 1.81 26.66 4.45
N LEU A 192 1.40 27.17 5.61
CA LEU A 192 0.13 26.74 6.17
C LEU A 192 -1.02 27.02 5.21
N ARG A 193 -1.04 28.20 4.60
CA ARG A 193 -2.08 28.51 3.62
C ARG A 193 -2.01 27.57 2.42
N ARG A 194 -0.81 27.18 2.01
CA ARG A 194 -0.67 26.24 0.91
C ARG A 194 -1.20 24.85 1.28
N TYR A 195 -0.91 24.39 2.50
CA TYR A 195 -1.41 23.09 2.92
C TYR A 195 -2.93 23.10 3.02
N LEU A 196 -3.51 24.18 3.53
CA LEU A 196 -4.96 24.27 3.70
C LEU A 196 -5.69 24.16 2.37
N GLU A 197 -5.08 24.66 1.29
CA GLU A 197 -5.70 24.57 -0.03
C GLU A 197 -5.51 23.18 -0.64
N ASN A 198 -4.27 22.71 -0.72
CA ASN A 198 -4.03 21.39 -1.28
C ASN A 198 -4.74 20.29 -0.51
N GLY A 199 -4.87 20.45 0.81
CA GLY A 199 -5.49 19.42 1.62
C GLY A 199 -6.85 19.84 2.09
N LYS A 200 -7.48 20.71 1.32
CA LYS A 200 -8.80 21.26 1.66
C LYS A 200 -9.81 20.16 1.97
N GLU A 201 -9.82 19.08 1.18
CA GLU A 201 -10.85 18.06 1.34
C GLU A 201 -10.82 17.45 2.74
N THR A 202 -9.63 17.28 3.31
CA THR A 202 -9.51 16.69 4.63
C THR A 202 -9.33 17.72 5.74
N LEU A 203 -8.59 18.80 5.48
CA LEU A 203 -8.24 19.75 6.54
C LEU A 203 -9.39 20.71 6.84
N GLN A 204 -10.13 21.15 5.83
CA GLN A 204 -11.23 22.07 6.05
C GLN A 204 -12.57 21.35 6.23
N ARG A 205 -12.54 20.11 6.70
CA ARG A 205 -13.73 19.32 6.92
C ARG A 205 -14.12 19.32 8.40
N THR A 206 -15.40 19.09 8.64
CA THR A 206 -15.94 18.89 9.99
C THR A 206 -16.79 17.61 9.97
N ASP A 207 -16.27 16.54 10.56
CA ASP A 207 -17.03 15.31 10.75
C ASP A 207 -17.76 15.41 12.09
N PRO A 208 -19.08 15.49 12.11
CA PRO A 208 -19.80 15.65 13.38
C PRO A 208 -19.72 14.39 14.22
N PRO A 209 -19.88 14.49 15.52
CA PRO A 209 -19.86 13.29 16.37
C PRO A 209 -21.14 12.49 16.22
N LYS A 210 -20.99 11.17 16.16
CA LYS A 210 -22.10 10.25 16.28
C LYS A 210 -22.32 9.95 17.76
N THR A 211 -23.51 10.22 18.28
CA THR A 211 -23.75 10.20 19.71
C THR A 211 -24.78 9.16 20.11
N HIS A 212 -24.59 8.60 21.30
CA HIS A 212 -25.57 7.69 21.91
C HIS A 212 -25.27 7.63 23.40
N MET A 213 -26.20 7.04 24.14
CA MET A 213 -26.05 6.94 25.59
C MET A 213 -26.25 5.48 26.00
N THR A 214 -25.48 5.04 26.98
CA THR A 214 -25.59 3.69 27.51
C THR A 214 -25.90 3.75 29.00
N HIS A 215 -26.35 2.63 29.54
CA HIS A 215 -26.81 2.53 30.92
C HIS A 215 -26.10 1.36 31.59
N HIS A 216 -25.54 1.59 32.77
CA HIS A 216 -24.73 0.58 33.45
C HIS A 216 -25.04 0.56 34.94
N PRO A 217 -25.92 -0.34 35.37
CA PRO A 217 -26.23 -0.43 36.81
C PRO A 217 -24.99 -0.76 37.62
N ILE A 218 -24.84 -0.06 38.75
CA ILE A 218 -23.75 -0.32 39.67
C ILE A 218 -24.24 -0.90 40.99
N SER A 219 -25.53 -0.79 41.28
CA SER A 219 -26.15 -1.41 42.45
C SER A 219 -27.65 -1.41 42.21
N ASP A 220 -28.42 -1.77 43.23
CA ASP A 220 -29.86 -1.64 43.14
C ASP A 220 -30.33 -0.21 43.36
N HIS A 221 -29.45 0.69 43.82
CA HIS A 221 -29.80 2.06 44.10
C HIS A 221 -29.24 3.08 43.12
N GLU A 222 -28.18 2.73 42.37
CA GLU A 222 -27.50 3.68 41.52
C GLU A 222 -27.19 3.05 40.17
N ALA A 223 -26.95 3.91 39.19
CA ALA A 223 -26.57 3.48 37.85
C ALA A 223 -25.70 4.54 37.21
N THR A 224 -24.95 4.13 36.20
CA THR A 224 -24.05 5.02 35.47
C THR A 224 -24.61 5.26 34.07
N LEU A 225 -24.84 6.52 33.72
CA LEU A 225 -25.17 6.92 32.36
C LEU A 225 -23.90 7.39 31.67
N ARG A 226 -23.65 6.88 30.46
CA ARG A 226 -22.44 7.20 29.72
C ARG A 226 -22.84 7.75 28.35
N CYS A 227 -22.39 8.96 28.06
CA CYS A 227 -22.74 9.67 26.83
C CYS A 227 -21.53 9.63 25.90
N TRP A 228 -21.72 9.08 24.70
CA TRP A 228 -20.64 8.81 23.77
C TRP A 228 -20.67 9.80 22.60
N ALA A 229 -19.48 10.20 22.15
CA ALA A 229 -19.30 10.95 20.91
C ALA A 229 -18.20 10.29 20.10
N LEU A 230 -18.52 9.84 18.90
CA LEU A 230 -17.61 9.02 18.12
C LEU A 230 -17.44 9.58 16.72
N GLY A 231 -16.24 9.39 16.16
CA GLY A 231 -16.02 9.67 14.76
C GLY A 231 -15.95 11.13 14.37
N PHE A 232 -15.61 12.02 15.30
CA PHE A 232 -15.63 13.45 15.02
C PHE A 232 -14.24 14.01 14.70
N TYR A 233 -14.24 15.12 13.97
CA TYR A 233 -13.06 15.90 13.61
C TYR A 233 -13.53 17.33 13.45
N PRO A 234 -12.76 18.31 13.93
CA PRO A 234 -11.50 18.20 14.69
C PRO A 234 -11.73 17.68 16.12
N ALA A 235 -10.64 17.56 16.89
CA ALA A 235 -10.73 16.91 18.20
C ALA A 235 -11.51 17.74 19.21
N GLU A 236 -11.54 19.06 19.06
CA GLU A 236 -12.18 19.92 20.06
C GLU A 236 -13.66 19.59 20.19
N ILE A 237 -14.09 19.28 21.41
CA ILE A 237 -15.49 18.92 21.67
C ILE A 237 -15.77 19.21 23.13
N THR A 238 -17.04 19.45 23.44
CA THR A 238 -17.48 19.69 24.81
C THR A 238 -18.66 18.77 25.10
N LEU A 239 -18.53 17.94 26.13
CA LEU A 239 -19.61 17.11 26.64
C LEU A 239 -19.89 17.54 28.08
N THR A 240 -21.14 17.88 28.37
CA THR A 240 -21.52 18.28 29.70
C THR A 240 -22.84 17.60 30.08
N TRP A 241 -23.03 17.43 31.37
CA TRP A 241 -24.24 16.84 31.91
C TRP A 241 -25.07 17.91 32.59
N GLN A 242 -26.39 17.78 32.48
CA GLN A 242 -27.32 18.61 33.19
C GLN A 242 -28.34 17.72 33.90
N ARG A 243 -28.89 18.23 35.00
CA ARG A 243 -29.99 17.57 35.70
C ARG A 243 -31.08 18.60 35.91
N ASP A 244 -32.28 18.32 35.39
CA ASP A 244 -33.38 19.29 35.41
C ASP A 244 -32.97 20.60 34.77
N GLY A 245 -32.12 20.55 33.75
CA GLY A 245 -31.63 21.76 33.12
C GLY A 245 -30.59 22.53 33.89
N GLU A 246 -30.08 21.99 34.99
CA GLU A 246 -29.03 22.66 35.76
C GLU A 246 -27.72 21.89 35.58
N ASP A 247 -26.61 22.63 35.61
CA ASP A 247 -25.30 22.02 35.40
C ASP A 247 -24.98 21.00 36.48
N GLN A 248 -24.44 19.85 36.05
CA GLN A 248 -24.10 18.73 36.92
C GLN A 248 -22.60 18.50 36.89
N THR A 249 -21.93 18.75 38.02
CA THR A 249 -20.53 18.44 38.17
C THR A 249 -20.24 17.32 39.15
N GLN A 250 -21.06 17.18 40.19
CA GLN A 250 -20.85 16.13 41.17
C GLN A 250 -21.12 14.75 40.57
N ASP A 251 -20.23 13.80 40.89
CA ASP A 251 -20.36 12.40 40.48
C ASP A 251 -20.25 12.22 38.96
N THR A 252 -19.48 13.07 38.29
CA THR A 252 -19.30 12.99 36.85
C THR A 252 -17.87 12.57 36.51
N GLU A 253 -17.73 11.84 35.41
CA GLU A 253 -16.43 11.37 34.94
C GLU A 253 -16.30 11.67 33.46
N LEU A 254 -15.11 12.14 33.07
CA LEU A 254 -14.84 12.54 31.71
C LEU A 254 -13.47 12.01 31.33
N VAL A 255 -13.39 11.30 30.19
CA VAL A 255 -12.13 10.75 29.74
C VAL A 255 -11.49 11.67 28.72
N GLU A 256 -10.16 11.59 28.63
CA GLU A 256 -9.43 12.34 27.62
C GLU A 256 -9.91 11.98 26.22
N THR A 257 -10.08 13.00 25.38
CA THR A 257 -10.39 12.80 23.97
C THR A 257 -9.32 11.92 23.33
N ARG A 258 -9.74 10.87 22.62
CA ARG A 258 -8.78 9.87 22.19
C ARG A 258 -8.92 9.62 20.69
N PRO A 259 -7.82 9.34 20.02
CA PRO A 259 -7.88 9.10 18.57
C PRO A 259 -8.43 7.72 18.27
N ALA A 260 -9.27 7.64 17.24
CA ALA A 260 -9.80 6.36 16.79
C ALA A 260 -8.82 5.58 15.92
N GLY A 261 -7.79 6.25 15.41
CA GLY A 261 -6.81 5.64 14.52
C GLY A 261 -7.09 5.87 13.05
N ASP A 262 -8.29 6.32 12.69
CA ASP A 262 -8.68 6.56 11.31
C ASP A 262 -8.73 8.05 10.96
N GLY A 263 -8.20 8.92 11.80
CA GLY A 263 -8.28 10.34 11.57
C GLY A 263 -9.43 11.04 12.27
N THR A 264 -10.22 10.32 13.07
CA THR A 264 -11.27 10.90 13.87
C THR A 264 -10.97 10.65 15.36
N PHE A 265 -11.84 11.17 16.22
CA PHE A 265 -11.61 11.17 17.66
C PHE A 265 -12.84 10.70 18.40
N GLN A 266 -12.64 10.32 19.67
CA GLN A 266 -13.69 9.77 20.51
C GLN A 266 -13.62 10.42 21.89
N LYS A 267 -14.76 10.43 22.58
CA LYS A 267 -14.82 10.93 23.94
C LYS A 267 -16.09 10.41 24.57
N TRP A 268 -16.07 10.25 25.89
CA TRP A 268 -17.32 10.03 26.59
C TRP A 268 -17.30 10.70 27.96
N ALA A 269 -18.50 11.01 28.44
CA ALA A 269 -18.72 11.56 29.78
C ALA A 269 -19.75 10.71 30.49
N ALA A 270 -19.61 10.60 31.80
CA ALA A 270 -20.47 9.75 32.60
C ALA A 270 -20.92 10.49 33.84
N VAL A 271 -22.08 10.09 34.37
CA VAL A 271 -22.60 10.59 35.63
C VAL A 271 -23.26 9.44 36.36
N VAL A 272 -23.18 9.47 37.69
CA VAL A 272 -23.81 8.47 38.55
C VAL A 272 -25.15 9.04 39.02
N VAL A 273 -26.23 8.31 38.76
CA VAL A 273 -27.57 8.80 39.03
C VAL A 273 -28.32 7.81 39.91
N PRO A 274 -29.22 8.26 40.79
CA PRO A 274 -30.06 7.32 41.53
C PRO A 274 -31.01 6.60 40.59
N SER A 275 -31.20 5.30 40.83
CA SER A 275 -32.04 4.47 39.98
C SER A 275 -33.45 5.03 39.89
N GLY A 276 -33.99 5.06 38.67
CA GLY A 276 -35.30 5.61 38.41
C GLY A 276 -35.30 7.07 38.02
N GLU A 277 -34.20 7.78 38.24
CA GLU A 277 -34.10 9.20 37.92
C GLU A 277 -33.29 9.47 36.67
N GLU A 278 -33.11 8.46 35.82
CA GLU A 278 -32.24 8.61 34.64
C GLU A 278 -32.69 9.76 33.76
N GLN A 279 -33.99 9.92 33.57
CA GLN A 279 -34.48 10.87 32.58
C GLN A 279 -34.52 12.30 33.09
N ARG A 280 -34.06 12.55 34.32
CA ARG A 280 -33.84 13.92 34.75
C ARG A 280 -32.54 14.49 34.18
N TYR A 281 -31.66 13.63 33.67
CA TYR A 281 -30.32 14.01 33.26
C TYR A 281 -30.26 14.13 31.74
N THR A 282 -29.48 15.10 31.27
CA THR A 282 -29.29 15.32 29.84
C THR A 282 -27.81 15.48 29.56
N CYS A 283 -27.38 14.93 28.44
CA CYS A 283 -26.02 15.11 27.94
C CYS A 283 -26.04 16.12 26.82
N HIS A 284 -25.11 17.06 26.85
CA HIS A 284 -25.07 18.15 25.87
C HIS A 284 -23.75 18.09 25.13
N VAL A 285 -23.82 18.15 23.80
CA VAL A 285 -22.67 17.92 22.94
C VAL A 285 -22.46 19.16 22.07
N GLN A 286 -21.33 19.83 22.25
CA GLN A 286 -20.95 20.97 21.43
C GLN A 286 -19.79 20.58 20.52
N HIS A 287 -19.96 20.80 19.22
CA HIS A 287 -18.91 20.47 18.26
C HIS A 287 -19.08 21.35 17.03
N GLU A 288 -17.95 21.70 16.40
CA GLU A 288 -17.97 22.56 15.22
C GLU A 288 -18.77 21.95 14.08
N GLY A 289 -18.80 20.63 13.98
CA GLY A 289 -19.56 19.97 12.93
C GLY A 289 -21.05 19.93 13.12
N LEU A 290 -21.55 20.41 14.26
CA LEU A 290 -22.97 20.33 14.55
C LEU A 290 -23.64 21.68 14.29
N PRO A 291 -24.69 21.72 13.47
CA PRO A 291 -25.40 23.00 13.26
C PRO A 291 -25.91 23.60 14.56
N LYS A 292 -26.50 22.77 15.42
CA LYS A 292 -26.94 23.17 16.74
C LYS A 292 -26.41 22.17 17.75
N PRO A 293 -26.17 22.60 18.99
CA PRO A 293 -25.73 21.64 20.01
C PRO A 293 -26.77 20.56 20.21
N LEU A 294 -26.29 19.35 20.52
CA LEU A 294 -27.15 18.19 20.71
C LEU A 294 -27.53 18.03 22.16
N THR A 295 -28.69 17.43 22.39
CA THR A 295 -29.15 17.09 23.73
C THR A 295 -29.59 15.63 23.72
N LEU A 296 -28.96 14.82 24.56
CA LEU A 296 -29.28 13.41 24.68
C LEU A 296 -29.93 13.15 26.02
N ARG A 297 -30.90 12.23 26.04
CA ARG A 297 -31.57 11.84 27.26
C ARG A 297 -31.75 10.32 27.22
N TRP A 298 -31.56 9.67 28.36
CA TRP A 298 -31.76 8.22 28.40
C TRP A 298 -33.16 7.88 27.93
N GLU A 299 -33.26 6.90 27.04
CA GLU A 299 -34.52 6.51 26.41
C GLU A 299 -35.05 5.23 27.06
N LEU A 300 -36.01 5.40 27.97
CA LEU A 300 -36.87 4.34 28.53
C LEU A 300 -37.59 4.88 29.76
N ILE B 2 9.93 15.48 37.84
CA ILE B 2 10.89 15.10 36.81
C ILE B 2 10.28 14.05 35.87
N GLN B 3 9.48 13.12 36.41
CA GLN B 3 8.89 12.05 35.63
C GLN B 3 7.38 12.02 35.83
N ARG B 4 6.67 11.52 34.81
CA ARG B 4 5.21 11.45 34.82
C ARG B 4 4.75 10.08 34.36
N THR B 5 3.87 9.45 35.16
CA THR B 5 3.41 8.11 34.83
C THR B 5 2.26 8.16 33.81
N PRO B 6 2.19 7.19 32.90
CA PRO B 6 1.25 7.29 31.78
C PRO B 6 -0.20 7.03 32.16
N LYS B 7 -1.10 7.81 31.53
CA LYS B 7 -2.50 7.44 31.47
C LYS B 7 -2.70 6.43 30.35
N ILE B 8 -3.67 5.54 30.53
CA ILE B 8 -3.92 4.44 29.59
C ILE B 8 -5.42 4.33 29.33
N GLN B 9 -5.81 4.31 28.06
CA GLN B 9 -7.15 3.92 27.64
C GLN B 9 -7.05 2.82 26.60
N VAL B 10 -7.84 1.77 26.79
CA VAL B 10 -7.93 0.66 25.84
C VAL B 10 -9.37 0.59 25.34
N TYR B 11 -9.53 0.51 24.03
CA TYR B 11 -10.81 0.71 23.40
C TYR B 11 -10.68 0.28 21.94
N SER B 12 -11.84 0.09 21.29
CA SER B 12 -11.90 -0.33 19.90
C SER B 12 -12.17 0.86 18.99
N ARG B 13 -11.73 0.75 17.74
CA ARG B 13 -11.91 1.86 16.80
C ARG B 13 -13.39 2.11 16.53
N HIS B 14 -14.14 1.05 16.23
CA HIS B 14 -15.57 1.10 16.04
C HIS B 14 -16.26 0.39 17.19
N PRO B 15 -17.55 0.69 17.42
CA PRO B 15 -18.30 -0.11 18.39
C PRO B 15 -18.15 -1.59 18.08
N ALA B 16 -18.08 -2.40 19.14
CA ALA B 16 -17.73 -3.80 19.00
C ALA B 16 -18.95 -4.65 18.72
N GLU B 17 -18.78 -5.64 17.86
CA GLU B 17 -19.75 -6.70 17.67
C GLU B 17 -19.00 -7.98 17.36
N ASN B 18 -19.33 -9.05 18.09
CA ASN B 18 -18.62 -10.32 17.95
C ASN B 18 -18.68 -10.81 16.51
N GLY B 19 -17.51 -11.17 15.96
CA GLY B 19 -17.40 -11.68 14.63
C GLY B 19 -16.95 -10.66 13.58
N LYS B 20 -17.08 -9.37 13.87
CA LYS B 20 -16.75 -8.32 12.93
C LYS B 20 -15.31 -7.83 13.14
N SER B 21 -14.56 -7.74 12.05
CA SER B 21 -13.18 -7.24 12.15
C SER B 21 -13.18 -5.78 12.61
N ASN B 22 -12.26 -5.47 13.51
CA ASN B 22 -12.20 -4.14 14.13
C ASN B 22 -10.74 -3.81 14.41
N PHE B 23 -10.50 -2.74 15.14
CA PHE B 23 -9.16 -2.35 15.55
C PHE B 23 -9.12 -2.17 17.07
N LEU B 24 -8.11 -2.74 17.70
CA LEU B 24 -7.92 -2.62 19.14
C LEU B 24 -6.88 -1.55 19.41
N ASN B 25 -7.24 -0.56 20.23
CA ASN B 25 -6.39 0.60 20.47
C ASN B 25 -5.96 0.64 21.94
N CYS B 26 -4.69 0.98 22.16
CA CYS B 26 -4.20 1.34 23.49
C CYS B 26 -3.58 2.73 23.42
N TYR B 27 -4.24 3.71 24.01
CA TYR B 27 -3.80 5.10 23.96
C TYR B 27 -3.06 5.42 25.25
N VAL B 28 -1.77 5.68 25.13
CA VAL B 28 -0.93 6.03 26.27
C VAL B 28 -0.55 7.50 26.13
N SER B 29 -0.71 8.26 27.21
CA SER B 29 -0.53 9.70 27.15
C SER B 29 -0.10 10.21 28.53
N GLY B 30 0.35 11.46 28.56
CA GLY B 30 0.64 12.10 29.83
C GLY B 30 1.87 11.56 30.53
N PHE B 31 2.81 10.99 29.78
CA PHE B 31 3.98 10.37 30.40
C PHE B 31 5.26 11.07 29.97
N HIS B 32 6.28 10.96 30.83
CA HIS B 32 7.62 11.49 30.61
C HIS B 32 8.59 10.73 31.52
N PRO B 33 9.74 10.27 31.01
CA PRO B 33 10.28 10.43 29.65
C PRO B 33 9.53 9.59 28.63
N SER B 34 10.00 9.66 27.38
CA SER B 34 9.24 9.14 26.25
C SER B 34 9.39 7.63 26.07
N ASP B 35 10.45 7.01 26.57
CA ASP B 35 10.60 5.57 26.36
C ASP B 35 9.52 4.81 27.13
N ILE B 36 8.85 3.88 26.46
CA ILE B 36 7.72 3.19 27.04
C ILE B 36 7.57 1.86 26.31
N GLU B 37 7.05 0.85 27.02
CA GLU B 37 6.82 -0.48 26.47
C GLU B 37 5.32 -0.76 26.53
N VAL B 38 4.71 -1.04 25.38
CA VAL B 38 3.27 -1.20 25.26
C VAL B 38 3.01 -2.47 24.46
N ASP B 39 2.22 -3.38 25.04
CA ASP B 39 1.84 -4.62 24.38
C ASP B 39 0.34 -4.79 24.45
N LEU B 40 -0.23 -5.29 23.36
CA LEU B 40 -1.63 -5.68 23.32
C LEU B 40 -1.72 -7.17 23.60
N LEU B 41 -2.56 -7.53 24.57
CA LEU B 41 -2.68 -8.91 25.03
C LEU B 41 -3.99 -9.51 24.54
N LYS B 42 -3.92 -10.80 24.17
CA LYS B 42 -5.09 -11.58 23.80
C LYS B 42 -5.08 -12.82 24.70
N ASN B 43 -6.04 -12.88 25.62
CA ASN B 43 -6.11 -13.96 26.61
C ASN B 43 -4.80 -14.11 27.37
N GLY B 44 -4.17 -12.96 27.69
CA GLY B 44 -2.93 -12.93 28.43
C GLY B 44 -1.67 -13.00 27.60
N GLU B 45 -1.76 -13.31 26.31
CA GLU B 45 -0.58 -13.51 25.48
C GLU B 45 -0.34 -12.30 24.58
N ARG B 46 0.94 -12.05 24.32
CA ARG B 46 1.33 -10.86 23.57
CA ARG B 46 1.32 -10.86 23.57
C ARG B 46 0.99 -11.02 22.09
N ILE B 47 0.19 -10.09 21.57
CA ILE B 47 -0.13 -10.06 20.14
C ILE B 47 1.09 -9.52 19.39
N GLU B 48 1.48 -10.21 18.33
CA GLU B 48 2.77 -9.95 17.71
C GLU B 48 2.76 -8.70 16.85
N LYS B 49 1.84 -8.60 15.88
CA LYS B 49 1.87 -7.51 14.91
C LYS B 49 1.06 -6.34 15.47
N VAL B 50 1.75 -5.44 16.16
CA VAL B 50 1.15 -4.23 16.71
C VAL B 50 1.90 -3.03 16.15
N GLU B 51 1.16 -2.04 15.67
CA GLU B 51 1.72 -0.80 15.16
C GLU B 51 1.46 0.34 16.13
N HIS B 52 2.20 1.43 15.98
CA HIS B 52 2.04 2.59 16.84
C HIS B 52 2.21 3.88 16.05
N SER B 53 1.61 4.95 16.56
CA SER B 53 1.73 6.26 15.96
C SER B 53 3.13 6.84 16.16
N ASP B 54 3.38 7.98 15.54
CA ASP B 54 4.64 8.70 15.69
C ASP B 54 4.66 9.52 16.97
N LEU B 55 5.79 9.47 17.67
CA LEU B 55 5.91 10.12 18.97
C LEU B 55 5.59 11.60 18.85
N SER B 56 4.61 12.06 19.63
CA SER B 56 4.31 13.48 19.71
C SER B 56 4.06 13.82 21.16
N PHE B 57 3.82 15.11 21.44
CA PHE B 57 3.62 15.50 22.82
C PHE B 57 2.64 16.66 22.90
N SER B 58 2.09 16.83 24.11
CA SER B 58 1.04 17.81 24.36
C SER B 58 1.64 19.13 24.78
N LYS B 59 0.77 20.11 25.04
CA LYS B 59 1.23 21.45 25.41
C LYS B 59 2.05 21.42 26.70
N ASP B 60 1.71 20.54 27.65
CA ASP B 60 2.48 20.41 28.89
C ASP B 60 3.74 19.55 28.74
N TRP B 61 4.19 19.26 27.51
CA TRP B 61 5.40 18.51 27.15
C TRP B 61 5.23 17.00 27.35
N SER B 62 4.16 16.52 27.96
CA SER B 62 4.01 15.09 28.16
C SER B 62 3.73 14.40 26.82
N PHE B 63 4.21 13.16 26.70
CA PHE B 63 4.15 12.43 25.44
C PHE B 63 2.84 11.67 25.31
N TYR B 64 2.53 11.29 24.08
CA TYR B 64 1.39 10.42 23.80
C TYR B 64 1.66 9.59 22.56
N LEU B 65 1.16 8.36 22.58
CA LEU B 65 1.30 7.36 21.53
C LEU B 65 0.02 6.55 21.45
N LEU B 66 -0.35 6.15 20.24
CA LEU B 66 -1.46 5.23 20.02
C LEU B 66 -0.91 3.90 19.50
N TYR B 67 -1.17 2.82 20.22
CA TYR B 67 -0.80 1.47 19.78
C TYR B 67 -2.04 0.75 19.30
N TYR B 68 -1.92 0.03 18.18
CA TYR B 68 -3.12 -0.55 17.61
C TYR B 68 -2.79 -1.77 16.77
N THR B 69 -3.78 -2.66 16.64
CA THR B 69 -3.70 -3.80 15.74
C THR B 69 -5.11 -4.22 15.36
N GLU B 70 -5.24 -4.82 14.19
CA GLU B 70 -6.53 -5.34 13.76
C GLU B 70 -6.91 -6.55 14.59
N PHE B 71 -8.17 -6.61 15.02
CA PHE B 71 -8.66 -7.74 15.79
C PHE B 71 -10.14 -7.97 15.49
N THR B 72 -10.61 -9.18 15.81
CA THR B 72 -12.00 -9.56 15.65
C THR B 72 -12.56 -9.99 17.00
N PRO B 73 -13.34 -9.16 17.67
CA PRO B 73 -13.79 -9.50 19.03
C PRO B 73 -14.78 -10.66 19.03
N THR B 74 -14.84 -11.35 20.17
CA THR B 74 -15.78 -12.44 20.39
C THR B 74 -16.28 -12.35 21.83
N GLU B 75 -17.13 -13.29 22.21
CA GLU B 75 -17.74 -13.24 23.53
C GLU B 75 -16.74 -13.63 24.62
N LYS B 76 -15.93 -14.66 24.38
CA LYS B 76 -15.07 -15.21 25.42
C LYS B 76 -13.69 -14.59 25.45
N ASP B 77 -13.14 -14.19 24.31
CA ASP B 77 -11.78 -13.70 24.25
C ASP B 77 -11.61 -12.42 25.07
N GLU B 78 -10.56 -12.38 25.89
CA GLU B 78 -10.21 -11.20 26.67
C GLU B 78 -9.04 -10.47 26.00
N TYR B 79 -9.12 -9.15 25.97
CA TYR B 79 -8.05 -8.32 25.43
C TYR B 79 -7.61 -7.32 26.48
N ALA B 80 -6.34 -6.94 26.42
CA ALA B 80 -5.78 -6.04 27.40
C ALA B 80 -4.59 -5.31 26.80
N CYS B 81 -4.18 -4.25 27.48
CA CYS B 81 -2.98 -3.50 27.14
C CYS B 81 -2.03 -3.57 28.32
N ARG B 82 -0.78 -3.95 28.05
CA ARG B 82 0.25 -4.05 29.07
C ARG B 82 1.28 -2.96 28.85
N VAL B 83 1.47 -2.11 29.85
CA VAL B 83 2.32 -0.93 29.75
C VAL B 83 3.39 -1.01 30.84
N ASN B 84 4.64 -0.75 30.46
CA ASN B 84 5.72 -0.55 31.41
C ASN B 84 6.47 0.74 31.10
N HIS B 85 6.95 1.38 32.16
CA HIS B 85 7.51 2.72 32.12
C HIS B 85 8.43 2.84 33.32
N VAL B 86 9.39 3.76 33.24
CA VAL B 86 10.34 3.89 34.34
C VAL B 86 9.62 4.25 35.63
N THR B 87 8.46 4.91 35.53
CA THR B 87 7.67 5.22 36.72
C THR B 87 6.95 4.01 37.30
N LEU B 88 6.88 2.89 36.58
CA LEU B 88 6.12 1.72 36.99
C LEU B 88 7.06 0.62 37.45
N SER B 89 6.97 0.23 38.72
CA SER B 89 7.79 -0.87 39.21
CA SER B 89 7.79 -0.87 39.21
C SER B 89 7.48 -2.16 38.46
N GLN B 90 6.21 -2.52 38.39
CA GLN B 90 5.80 -3.66 37.58
C GLN B 90 4.82 -3.20 36.51
N PRO B 91 4.74 -3.90 35.38
CA PRO B 91 3.85 -3.47 34.30
C PRO B 91 2.40 -3.34 34.76
N LYS B 92 1.70 -2.38 34.17
CA LYS B 92 0.29 -2.14 34.42
C LYS B 92 -0.54 -2.82 33.34
N ILE B 93 -1.57 -3.55 33.75
CA ILE B 93 -2.48 -4.23 32.84
C ILE B 93 -3.83 -3.54 32.90
N VAL B 94 -4.31 -3.07 31.76
CA VAL B 94 -5.64 -2.50 31.66
C VAL B 94 -6.43 -3.38 30.69
N LYS B 95 -7.50 -3.99 31.20
CA LYS B 95 -8.34 -4.87 30.40
C LYS B 95 -9.25 -4.06 29.48
N TRP B 96 -9.41 -4.56 28.26
CA TRP B 96 -10.35 -3.93 27.32
C TRP B 96 -11.78 -4.18 27.76
N ASP B 97 -12.50 -3.09 28.05
CA ASP B 97 -13.92 -3.14 28.39
C ASP B 97 -14.71 -2.56 27.24
N ARG B 98 -15.61 -3.37 26.67
CA ARG B 98 -16.46 -2.98 25.55
C ARG B 98 -17.28 -1.73 25.85
N ASP B 99 -17.54 -1.43 27.13
CA ASP B 99 -18.41 -0.33 27.51
C ASP B 99 -17.63 0.93 27.90
N MET B 100 -16.33 0.97 27.65
CA MET B 100 -15.52 2.12 28.03
C MET B 100 -14.52 2.52 26.94
N GLY C 25 30.59 12.19 -11.58
CA GLY C 25 30.09 13.14 -12.56
C GLY C 25 29.44 12.45 -13.74
N SER C 26 29.98 11.29 -14.11
CA SER C 26 29.45 10.49 -15.20
C SER C 26 28.26 9.66 -14.72
N HIS C 27 27.37 9.32 -15.67
CA HIS C 27 26.17 8.58 -15.36
C HIS C 27 25.89 7.58 -16.46
N SER C 28 25.09 6.57 -16.13
CA SER C 28 24.84 5.49 -17.07
C SER C 28 23.36 5.12 -17.05
N MET C 29 22.88 4.66 -18.19
CA MET C 29 21.60 3.99 -18.30
C MET C 29 21.84 2.61 -18.89
N ARG C 30 21.17 1.60 -18.32
CA ARG C 30 21.33 0.23 -18.75
C ARG C 30 19.98 -0.46 -18.74
N TYR C 31 19.75 -1.28 -19.77
CA TYR C 31 18.62 -2.19 -19.82
C TYR C 31 19.12 -3.62 -19.84
N PHE C 32 18.41 -4.49 -19.13
CA PHE C 32 18.74 -5.90 -18.98
C PHE C 32 17.51 -6.70 -19.39
N TYR C 33 17.63 -7.44 -20.49
CA TYR C 33 16.55 -8.30 -21.00
C TYR C 33 16.90 -9.76 -20.78
N THR C 34 15.95 -10.53 -20.24
CA THR C 34 16.11 -11.96 -20.04
C THR C 34 14.92 -12.69 -20.65
N SER C 35 15.19 -13.61 -21.57
CA SER C 35 14.19 -14.54 -22.11
C SER C 35 14.57 -15.96 -21.72
N VAL C 36 13.67 -16.65 -21.03
CA VAL C 36 13.92 -18.01 -20.54
C VAL C 36 12.87 -18.93 -21.12
N SER C 37 13.29 -19.97 -21.82
CA SER C 37 12.34 -20.90 -22.40
C SER C 37 11.81 -21.85 -21.33
N ARG C 38 10.57 -22.25 -21.47
CA ARG C 38 10.04 -23.14 -20.47
C ARG C 38 9.97 -24.57 -21.00
N PRO C 39 10.07 -25.58 -20.11
CA PRO C 39 10.01 -26.98 -20.56
C PRO C 39 8.79 -27.30 -21.41
N GLY C 40 8.90 -28.37 -22.20
CA GLY C 40 7.94 -28.62 -23.25
C GLY C 40 8.23 -27.70 -24.42
N ARG C 41 7.27 -26.87 -24.80
CA ARG C 41 7.49 -25.84 -25.80
C ARG C 41 6.68 -24.58 -25.47
N GLY C 42 6.38 -24.38 -24.20
CA GLY C 42 5.60 -23.23 -23.78
C GLY C 42 6.28 -21.92 -24.09
N GLU C 43 5.50 -20.85 -24.01
CA GLU C 43 6.00 -19.52 -24.32
C GLU C 43 7.06 -19.11 -23.30
N PRO C 44 8.19 -18.57 -23.75
CA PRO C 44 9.26 -18.25 -22.80
C PRO C 44 8.86 -17.11 -21.86
N ARG C 45 9.50 -17.10 -20.70
CA ARG C 45 9.34 -15.99 -19.76
C ARG C 45 10.31 -14.88 -20.13
N PHE C 46 9.79 -13.66 -20.26
CA PHE C 46 10.58 -12.50 -20.65
C PHE C 46 10.48 -11.44 -19.56
N ILE C 47 11.64 -11.00 -19.04
CA ILE C 47 11.70 -9.94 -18.06
C ILE C 47 12.69 -8.88 -18.52
N ALA C 48 12.28 -7.62 -18.49
CA ALA C 48 13.19 -6.52 -18.77
C ALA C 48 13.24 -5.58 -17.57
N VAL C 49 14.42 -5.02 -17.31
CA VAL C 49 14.56 -4.00 -16.27
C VAL C 49 15.44 -2.87 -16.80
N GLY C 50 15.13 -1.66 -16.36
CA GLY C 50 15.91 -0.49 -16.72
C GLY C 50 16.52 0.15 -15.48
N TYR C 51 17.77 0.57 -15.60
CA TYR C 51 18.51 1.19 -14.50
C TYR C 51 19.11 2.50 -14.96
N VAL C 52 19.10 3.48 -14.06
CA VAL C 52 19.97 4.65 -14.17
C VAL C 52 20.95 4.54 -13.00
N ASP C 53 22.25 4.48 -13.32
CA ASP C 53 23.27 4.21 -12.31
C ASP C 53 22.83 2.96 -11.54
N ASP C 54 22.81 2.97 -10.22
CA ASP C 54 22.39 1.81 -9.45
C ASP C 54 20.90 1.82 -9.10
N THR C 55 20.10 2.67 -9.75
CA THR C 55 18.68 2.82 -9.42
C THR C 55 17.82 2.24 -10.53
N GLN C 56 17.03 1.22 -10.20
CA GLN C 56 16.07 0.69 -11.16
C GLN C 56 14.93 1.68 -11.33
N PHE C 57 14.39 1.77 -12.55
CA PHE C 57 13.26 2.67 -12.75
C PHE C 57 12.09 2.10 -13.55
N VAL C 58 12.27 1.01 -14.31
CA VAL C 58 11.16 0.36 -15.01
C VAL C 58 11.34 -1.15 -14.98
N ARG C 59 10.23 -1.85 -15.17
CA ARG C 59 10.25 -3.28 -15.39
C ARG C 59 9.19 -3.65 -16.42
N PHE C 60 9.43 -4.78 -17.08
CA PHE C 60 8.42 -5.46 -17.88
C PHE C 60 8.53 -6.95 -17.58
N ASP C 61 7.38 -7.61 -17.45
CA ASP C 61 7.33 -9.02 -17.09
C ASP C 61 6.22 -9.66 -17.90
N SER C 62 6.59 -10.60 -18.77
CA SER C 62 5.59 -11.28 -19.59
C SER C 62 4.59 -12.10 -18.78
N ASP C 63 4.92 -12.46 -17.54
CA ASP C 63 3.98 -13.22 -16.70
C ASP C 63 2.98 -12.33 -15.98
N ALA C 64 3.18 -11.02 -15.97
CA ALA C 64 2.22 -10.14 -15.32
C ALA C 64 0.98 -9.98 -16.21
N ALA C 65 -0.18 -9.85 -15.57
CA ALA C 65 -1.40 -9.68 -16.33
C ALA C 65 -1.45 -8.34 -17.05
N SER C 66 -0.72 -7.33 -16.55
CA SER C 66 -0.74 -6.01 -17.18
C SER C 66 -0.14 -6.05 -18.59
N GLN C 67 0.96 -6.78 -18.77
CA GLN C 67 1.65 -6.85 -20.06
C GLN C 67 2.06 -5.45 -20.53
N ARG C 68 2.54 -4.63 -19.59
CA ARG C 68 2.95 -3.26 -19.88
C ARG C 68 4.28 -2.98 -19.21
N MET C 69 5.09 -2.12 -19.84
CA MET C 69 6.22 -1.53 -19.13
C MET C 69 5.68 -0.78 -17.92
N GLU C 70 6.26 -1.06 -16.74
CA GLU C 70 5.73 -0.47 -15.51
C GLU C 70 6.76 0.46 -14.87
N PRO C 71 6.32 1.53 -14.22
CA PRO C 71 7.26 2.37 -13.48
C PRO C 71 7.75 1.65 -12.23
N ARG C 72 9.00 1.87 -11.89
CA ARG C 72 9.60 1.31 -10.69
CA ARG C 72 9.61 1.31 -10.69
C ARG C 72 10.36 2.34 -9.88
N ALA C 73 10.25 3.62 -10.23
CA ALA C 73 10.83 4.74 -9.51
C ALA C 73 9.85 5.90 -9.53
N PRO C 74 9.82 6.72 -8.48
CA PRO C 74 8.83 7.80 -8.44
C PRO C 74 9.01 8.83 -9.54
N TRP C 75 10.25 9.17 -9.89
CA TRP C 75 10.53 10.22 -10.88
C TRP C 75 10.23 9.82 -12.32
N ILE C 76 9.85 8.57 -12.58
CA ILE C 76 9.43 8.17 -13.93
C ILE C 76 7.92 8.15 -14.08
N GLU C 77 7.17 8.20 -12.98
CA GLU C 77 5.72 8.13 -13.07
C GLU C 77 5.12 9.32 -13.83
N GLN C 78 5.84 10.45 -13.92
CA GLN C 78 5.33 11.61 -14.63
C GLN C 78 5.32 11.46 -16.15
N GLU C 79 5.88 10.39 -16.70
CA GLU C 79 5.82 10.19 -18.15
C GLU C 79 4.40 9.82 -18.58
N GLY C 80 3.96 10.40 -19.70
CA GLY C 80 2.59 10.25 -20.15
C GLY C 80 2.32 8.92 -20.82
N PRO C 81 1.07 8.74 -21.26
CA PRO C 81 0.66 7.44 -21.82
C PRO C 81 1.35 7.10 -23.14
N GLU C 82 1.77 8.09 -23.92
CA GLU C 82 2.49 7.80 -25.16
C GLU C 82 3.85 7.18 -24.86
N TYR C 83 4.51 7.63 -23.80
CA TYR C 83 5.75 7.00 -23.36
C TYR C 83 5.52 5.52 -23.04
N TRP C 84 4.59 5.23 -22.13
CA TRP C 84 4.38 3.83 -21.72
C TRP C 84 3.88 2.98 -22.88
N ASP C 85 3.08 3.55 -23.78
CA ASP C 85 2.69 2.82 -24.98
C ASP C 85 3.90 2.43 -25.81
N GLN C 86 4.83 3.38 -26.01
CA GLN C 86 5.97 3.13 -26.88
C GLN C 86 6.97 2.18 -26.22
N GLU C 87 7.24 2.39 -24.94
CA GLU C 87 8.11 1.47 -24.20
C GLU C 87 7.57 0.06 -24.26
N THR C 88 6.26 -0.10 -24.09
CA THR C 88 5.66 -1.43 -24.08
C THR C 88 5.74 -2.09 -25.44
N ARG C 89 5.49 -1.34 -26.50
CA ARG C 89 5.56 -1.88 -27.84
C ARG C 89 6.98 -2.35 -28.17
N ASN C 90 7.98 -1.53 -27.85
CA ASN C 90 9.33 -1.86 -28.28
C ASN C 90 9.92 -3.02 -27.48
N VAL C 91 9.53 -3.20 -26.21
CA VAL C 91 10.10 -4.34 -25.49
C VAL C 91 9.44 -5.63 -25.91
N LYS C 92 8.11 -5.62 -26.14
CA LYS C 92 7.47 -6.82 -26.67
C LYS C 92 8.08 -7.21 -28.00
N ALA C 93 8.36 -6.22 -28.85
CA ALA C 93 8.95 -6.49 -30.16
C ALA C 93 10.28 -7.22 -30.00
N GLN C 94 11.14 -6.74 -29.10
CA GLN C 94 12.38 -7.48 -28.86
C GLN C 94 12.09 -8.87 -28.31
N SER C 95 11.15 -8.99 -27.36
CA SER C 95 10.88 -10.29 -26.75
C SER C 95 10.39 -11.30 -27.78
N GLN C 96 9.60 -10.86 -28.76
N GLN C 96 9.60 -10.84 -28.76
CA GLN C 96 9.10 -11.78 -29.77
CA GLN C 96 9.10 -11.75 -29.79
C GLN C 96 10.22 -12.25 -30.70
C GLN C 96 10.22 -12.25 -30.69
N THR C 97 11.19 -11.39 -30.99
CA THR C 97 12.35 -11.84 -31.76
C THR C 97 13.21 -12.79 -30.95
N ASP C 98 13.46 -12.48 -29.67
CA ASP C 98 14.24 -13.37 -28.81
C ASP C 98 13.56 -14.73 -28.70
N ARG C 99 12.22 -14.76 -28.61
CA ARG C 99 11.49 -16.01 -28.52
C ARG C 99 11.73 -16.89 -29.74
N VAL C 100 11.71 -16.30 -30.94
CA VAL C 100 11.99 -17.06 -32.15
C VAL C 100 13.45 -17.51 -32.19
N ASP C 101 14.37 -16.63 -31.81
CA ASP C 101 15.78 -17.02 -31.80
C ASP C 101 16.05 -18.15 -30.84
N LEU C 102 15.32 -18.21 -29.71
CA LEU C 102 15.44 -19.35 -28.82
C LEU C 102 15.10 -20.64 -29.55
N GLY C 103 13.97 -20.65 -30.26
CA GLY C 103 13.63 -21.82 -31.04
C GLY C 103 14.68 -22.19 -32.06
N THR C 104 15.19 -21.19 -32.80
CA THR C 104 16.18 -21.48 -33.83
C THR C 104 17.49 -22.02 -33.24
N LEU C 105 17.97 -21.41 -32.16
CA LEU C 105 19.20 -21.86 -31.52
C LEU C 105 19.02 -23.25 -30.92
N ARG C 106 17.84 -23.55 -30.38
N ARG C 106 17.84 -23.55 -30.39
CA ARG C 106 17.55 -24.89 -29.88
CA ARG C 106 17.56 -24.90 -29.87
C ARG C 106 17.74 -25.93 -30.98
C ARG C 106 17.72 -25.95 -30.96
N GLY C 107 17.22 -25.66 -32.18
CA GLY C 107 17.42 -26.58 -33.28
C GLY C 107 18.82 -26.56 -33.82
N TYR C 108 19.47 -25.38 -33.84
CA TYR C 108 20.84 -25.30 -34.31
C TYR C 108 21.77 -26.18 -33.46
N TYR C 109 21.56 -26.19 -32.15
CA TYR C 109 22.46 -26.89 -31.25
C TYR C 109 21.91 -28.22 -30.77
N ASN C 110 20.80 -28.68 -31.35
CA ASN C 110 20.23 -29.99 -31.01
C ASN C 110 19.96 -30.11 -29.52
N GLN C 111 19.45 -29.06 -28.90
CA GLN C 111 19.23 -29.08 -27.45
C GLN C 111 17.83 -29.63 -27.16
N SER C 112 17.78 -30.70 -26.36
CA SER C 112 16.56 -31.51 -26.23
C SER C 112 15.34 -30.66 -25.87
N GLU C 113 14.17 -31.14 -26.30
CA GLU C 113 12.93 -30.42 -26.05
C GLU C 113 12.61 -30.28 -24.57
N ASP C 114 13.20 -31.13 -23.74
CA ASP C 114 13.07 -31.02 -22.29
C ASP C 114 14.36 -30.39 -21.78
N GLY C 115 14.32 -29.06 -21.63
CA GLY C 115 15.45 -28.27 -21.22
C GLY C 115 15.19 -26.78 -21.41
N SER C 116 15.77 -25.95 -20.55
CA SER C 116 15.51 -24.51 -20.55
C SER C 116 16.75 -23.75 -21.00
N HIS C 117 16.54 -22.73 -21.84
CA HIS C 117 17.65 -21.98 -22.40
C HIS C 117 17.34 -20.49 -22.33
N THR C 118 18.38 -19.68 -22.45
CA THR C 118 18.31 -18.28 -22.07
C THR C 118 18.94 -17.40 -23.12
N ILE C 119 18.23 -16.34 -23.52
CA ILE C 119 18.82 -15.23 -24.26
C ILE C 119 18.77 -13.99 -23.36
N GLN C 120 19.91 -13.32 -23.23
CA GLN C 120 20.03 -12.09 -22.48
C GLN C 120 20.57 -10.98 -23.36
N ILE C 121 20.12 -9.75 -23.10
CA ILE C 121 20.67 -8.56 -23.75
C ILE C 121 20.97 -7.54 -22.66
N MET C 122 22.15 -6.93 -22.74
CA MET C 122 22.44 -5.74 -21.96
C MET C 122 22.79 -4.63 -22.92
N TYR C 123 22.23 -3.44 -22.71
CA TYR C 123 22.61 -2.32 -23.56
C TYR C 123 22.40 -1.03 -22.81
N GLY C 124 23.07 0.02 -23.28
CA GLY C 124 22.84 1.34 -22.74
C GLY C 124 24.01 2.25 -23.04
N CYS C 125 24.01 3.38 -22.33
CA CYS C 125 24.93 4.46 -22.67
C CYS C 125 25.45 5.14 -21.42
N ASP C 126 26.62 5.77 -21.54
CA ASP C 126 27.19 6.61 -20.51
C ASP C 126 27.26 8.06 -20.99
N VAL C 127 26.94 9.00 -20.09
CA VAL C 127 27.10 10.42 -20.37
C VAL C 127 28.09 11.02 -19.38
N GLY C 128 28.76 12.09 -19.79
CA GLY C 128 29.68 12.80 -18.94
C GLY C 128 28.95 13.82 -18.09
N PRO C 129 29.71 14.65 -17.36
CA PRO C 129 29.06 15.71 -16.56
C PRO C 129 28.24 16.68 -17.42
N ASP C 130 28.74 17.04 -18.60
CA ASP C 130 28.02 17.95 -19.49
C ASP C 130 26.85 17.31 -20.22
N GLY C 131 26.53 16.04 -19.92
CA GLY C 131 25.46 15.36 -20.59
C GLY C 131 25.78 14.80 -21.96
N ARG C 132 27.03 14.91 -22.41
CA ARG C 132 27.40 14.40 -23.72
C ARG C 132 27.69 12.91 -23.67
N PHE C 133 27.42 12.24 -24.79
CA PHE C 133 27.69 10.81 -24.92
C PHE C 133 29.16 10.50 -24.66
N LEU C 134 29.41 9.48 -23.84
CA LEU C 134 30.76 8.97 -23.59
C LEU C 134 31.00 7.60 -24.21
N ARG C 135 30.08 6.66 -23.99
CA ARG C 135 30.27 5.28 -24.42
C ARG C 135 28.90 4.60 -24.51
N GLY C 136 28.80 3.59 -25.37
CA GLY C 136 27.58 2.84 -25.53
C GLY C 136 27.87 1.35 -25.59
N TYR C 137 26.84 0.57 -25.26
CA TYR C 137 26.94 -0.89 -25.15
C TYR C 137 25.75 -1.53 -25.81
N ARG C 138 25.96 -2.67 -26.47
CA ARG C 138 24.86 -3.57 -26.83
C ARG C 138 25.48 -4.95 -27.00
N GLN C 139 25.12 -5.89 -26.12
CA GLN C 139 25.73 -7.20 -26.16
C GLN C 139 24.71 -8.24 -25.71
N ASP C 140 24.86 -9.44 -26.27
CA ASP C 140 23.90 -10.51 -26.08
C ASP C 140 24.62 -11.78 -25.62
N ALA C 141 23.89 -12.62 -24.90
CA ALA C 141 24.41 -13.89 -24.44
C ALA C 141 23.38 -14.97 -24.70
N TYR C 142 23.87 -16.17 -24.98
CA TYR C 142 23.04 -17.36 -25.10
C TYR C 142 23.54 -18.38 -24.08
N ASP C 143 22.63 -18.86 -23.24
CA ASP C 143 22.92 -19.86 -22.22
C ASP C 143 24.10 -19.46 -21.33
N GLY C 144 24.14 -18.17 -20.97
CA GLY C 144 25.15 -17.67 -20.06
C GLY C 144 26.51 -17.41 -20.65
N LYS C 145 26.65 -17.51 -21.97
CA LYS C 145 27.91 -17.30 -22.66
C LYS C 145 27.76 -16.15 -23.64
N ASP C 146 28.80 -15.32 -23.74
CA ASP C 146 28.87 -14.28 -24.76
C ASP C 146 28.43 -14.84 -26.11
N TYR C 147 27.53 -14.11 -26.77
CA TYR C 147 27.03 -14.49 -28.09
C TYR C 147 27.49 -13.48 -29.15
N ILE C 148 27.08 -12.22 -29.02
CA ILE C 148 27.57 -11.16 -29.90
C ILE C 148 27.57 -9.87 -29.11
N ALA C 149 28.50 -8.97 -29.45
CA ALA C 149 28.66 -7.71 -28.75
C ALA C 149 29.06 -6.62 -29.72
N LEU C 150 28.46 -5.45 -29.57
CA LEU C 150 28.90 -4.28 -30.32
C LEU C 150 30.19 -3.76 -29.71
N ASN C 151 31.20 -3.53 -30.56
CA ASN C 151 32.46 -2.99 -30.08
C ASN C 151 32.33 -1.51 -29.77
N GLU C 152 33.31 -1.00 -29.01
CA GLU C 152 33.26 0.36 -28.51
C GLU C 152 33.17 1.41 -29.62
N ASP C 153 33.67 1.10 -30.82
CA ASP C 153 33.52 2.05 -31.92
C ASP C 153 32.09 2.13 -32.43
N LEU C 154 31.21 1.24 -31.98
CA LEU C 154 29.80 1.17 -32.37
C LEU C 154 29.63 0.95 -33.87
N ARG C 155 30.65 0.40 -34.52
CA ARG C 155 30.59 0.09 -35.94
C ARG C 155 30.84 -1.38 -36.26
N SER C 156 31.34 -2.17 -35.32
CA SER C 156 31.72 -3.55 -35.61
C SER C 156 31.34 -4.45 -34.45
N TRP C 157 31.15 -5.74 -34.76
CA TRP C 157 30.71 -6.73 -33.79
C TRP C 157 31.83 -7.71 -33.45
N THR C 158 31.84 -8.15 -32.19
CA THR C 158 32.61 -9.31 -31.74
C THR C 158 31.62 -10.43 -31.47
N ALA C 159 31.76 -11.55 -32.18
CA ALA C 159 30.83 -12.66 -32.08
C ALA C 159 31.54 -13.91 -31.59
N ALA C 160 30.81 -14.76 -30.88
CA ALA C 160 31.33 -16.05 -30.47
C ALA C 160 31.41 -16.99 -31.67
N ASP C 161 31.66 -18.27 -31.40
CA ASP C 161 31.79 -19.29 -32.44
C ASP C 161 30.40 -19.78 -32.87
N MET C 162 30.39 -20.49 -34.00
CA MET C 162 29.22 -21.21 -34.50
C MET C 162 28.08 -20.27 -34.85
N ALA C 163 26.94 -20.39 -34.16
CA ALA C 163 25.74 -19.69 -34.61
C ALA C 163 25.93 -18.19 -34.61
N ALA C 164 26.68 -17.67 -33.63
CA ALA C 164 26.88 -16.22 -33.55
C ALA C 164 27.63 -15.69 -34.77
N GLN C 165 28.43 -16.53 -35.43
CA GLN C 165 29.10 -16.09 -36.66
C GLN C 165 28.09 -15.86 -37.78
N ILE C 166 27.03 -16.66 -37.81
CA ILE C 166 25.94 -16.41 -38.73
C ILE C 166 25.25 -15.09 -38.39
N THR C 167 25.01 -14.86 -37.10
CA THR C 167 24.39 -13.60 -36.69
C THR C 167 25.26 -12.40 -37.09
N LYS C 168 26.57 -12.48 -36.86
CA LYS C 168 27.45 -11.35 -37.18
C LYS C 168 27.40 -11.02 -38.66
N ARG C 169 27.43 -12.06 -39.51
CA ARG C 169 27.32 -11.86 -40.96
C ARG C 169 25.97 -11.27 -41.33
N LYS C 170 24.90 -11.76 -40.71
CA LYS C 170 23.55 -11.25 -40.96
C LYS C 170 23.41 -9.79 -40.53
N TRP C 171 24.00 -9.44 -39.39
CA TRP C 171 23.88 -8.06 -38.90
C TRP C 171 24.76 -7.11 -39.68
N GLU C 172 25.93 -7.57 -40.12
CA GLU C 172 26.75 -6.76 -41.02
C GLU C 172 25.99 -6.46 -42.31
N ALA C 173 25.38 -7.47 -42.91
CA ALA C 173 24.65 -7.24 -44.16
C ALA C 173 23.44 -6.34 -43.95
N ALA C 174 22.85 -6.36 -42.75
CA ALA C 174 21.66 -5.56 -42.49
C ALA C 174 21.98 -4.17 -41.97
N HIS C 175 23.26 -3.84 -41.78
CA HIS C 175 23.66 -2.55 -41.22
C HIS C 175 22.98 -2.31 -39.87
N ALA C 176 22.89 -3.38 -39.06
CA ALA C 176 22.31 -3.26 -37.73
C ALA C 176 23.13 -2.34 -36.84
N ALA C 177 24.45 -2.33 -37.02
CA ALA C 177 25.30 -1.54 -36.14
C ALA C 177 25.01 -0.05 -36.29
N GLU C 178 24.73 0.40 -37.51
CA GLU C 178 24.38 1.79 -37.72
C GLU C 178 23.12 2.16 -36.94
N GLN C 179 22.11 1.30 -37.01
CA GLN C 179 20.87 1.53 -36.27
C GLN C 179 21.10 1.46 -34.75
N GLN C 180 21.92 0.52 -34.29
CA GLN C 180 22.20 0.44 -32.86
C GLN C 180 22.98 1.66 -32.39
N ARG C 181 23.93 2.13 -33.22
CA ARG C 181 24.72 3.30 -32.86
C ARG C 181 23.85 4.54 -32.76
N ALA C 182 22.93 4.73 -33.72
CA ALA C 182 22.02 5.87 -33.66
C ALA C 182 21.23 5.87 -32.35
N TYR C 183 20.72 4.71 -31.93
CA TYR C 183 20.03 4.64 -30.65
C TYR C 183 20.95 5.03 -29.51
N LEU C 184 22.17 4.48 -29.48
CA LEU C 184 23.03 4.62 -28.31
C LEU C 184 23.54 6.05 -28.16
N GLU C 185 23.86 6.71 -29.28
CA GLU C 185 24.36 8.07 -29.22
C GLU C 185 23.23 9.10 -29.16
N GLY C 186 22.02 8.71 -29.52
CA GLY C 186 20.92 9.64 -29.68
C GLY C 186 19.85 9.52 -28.62
N ARG C 187 18.85 8.69 -28.88
CA ARG C 187 17.71 8.53 -27.96
C ARG C 187 18.17 8.08 -26.57
N CYS C 188 19.09 7.12 -26.52
CA CYS C 188 19.58 6.64 -25.22
C CYS C 188 20.11 7.78 -24.38
N VAL C 189 20.97 8.62 -24.97
CA VAL C 189 21.56 9.75 -24.26
C VAL C 189 20.51 10.81 -23.96
N GLU C 190 19.70 11.17 -24.96
CA GLU C 190 18.63 12.13 -24.73
C GLU C 190 17.80 11.76 -23.50
N TRP C 191 17.40 10.49 -23.41
CA TRP C 191 16.48 10.13 -22.35
C TRP C 191 17.19 9.94 -21.01
N LEU C 192 18.46 9.54 -21.03
CA LEU C 192 19.22 9.50 -19.78
C LEU C 192 19.35 10.89 -19.19
N ARG C 193 19.67 11.90 -20.02
CA ARG C 193 19.72 13.27 -19.50
C ARG C 193 18.39 13.69 -18.91
N ARG C 194 17.28 13.27 -19.53
CA ARG C 194 15.96 13.64 -19.01
C ARG C 194 15.71 12.99 -17.65
N TYR C 195 16.01 11.70 -17.54
CA TYR C 195 15.89 11.00 -16.26
C TYR C 195 16.79 11.62 -15.20
N LEU C 196 18.01 12.00 -15.56
CA LEU C 196 18.92 12.59 -14.58
C LEU C 196 18.40 13.93 -14.08
N GLU C 197 17.71 14.67 -14.94
CA GLU C 197 17.09 15.93 -14.52
C GLU C 197 15.86 15.67 -13.67
N ASN C 198 14.93 14.85 -14.17
CA ASN C 198 13.68 14.63 -13.45
C ASN C 198 13.89 13.91 -12.14
N GLY C 199 14.84 12.99 -12.07
CA GLY C 199 15.12 12.32 -10.83
C GLY C 199 16.39 12.81 -10.14
N LYS C 200 16.71 14.11 -10.31
CA LYS C 200 18.00 14.60 -9.85
C LYS C 200 18.18 14.44 -8.35
N GLU C 201 17.10 14.63 -7.58
CA GLU C 201 17.20 14.50 -6.13
C GLU C 201 17.57 13.08 -5.72
N THR C 202 17.17 12.09 -6.52
CA THR C 202 17.51 10.70 -6.27
C THR C 202 18.83 10.30 -6.91
N LEU C 203 19.01 10.65 -8.19
CA LEU C 203 20.10 10.14 -9.01
C LEU C 203 21.39 10.93 -8.84
N GLN C 204 21.31 12.22 -8.58
CA GLN C 204 22.50 13.03 -8.37
C GLN C 204 22.93 13.06 -6.90
N ARG C 205 22.26 12.30 -6.06
CA ARG C 205 22.59 12.26 -4.64
C ARG C 205 23.77 11.33 -4.39
N THR C 206 24.47 11.60 -3.29
CA THR C 206 25.41 10.65 -2.72
C THR C 206 25.09 10.53 -1.23
N ASP C 207 24.76 9.31 -0.80
CA ASP C 207 24.62 9.01 0.61
C ASP C 207 25.92 8.42 1.11
N PRO C 208 26.62 9.08 2.05
CA PRO C 208 27.87 8.51 2.53
C PRO C 208 27.61 7.28 3.37
N PRO C 209 28.57 6.36 3.46
CA PRO C 209 28.37 5.17 4.29
C PRO C 209 28.40 5.51 5.77
N LYS C 210 27.55 4.84 6.54
CA LYS C 210 27.62 4.89 7.99
C LYS C 210 28.52 3.75 8.44
N THR C 211 29.61 4.09 9.14
CA THR C 211 30.70 3.15 9.39
C THR C 211 30.85 2.86 10.88
N HIS C 212 31.15 1.60 11.20
CA HIS C 212 31.48 1.18 12.56
C HIS C 212 32.27 -0.11 12.46
N MET C 213 32.86 -0.51 13.59
CA MET C 213 33.67 -1.71 13.64
C MET C 213 33.19 -2.60 14.77
N THR C 214 33.15 -3.91 14.52
CA THR C 214 32.80 -4.89 15.53
C THR C 214 33.96 -5.85 15.76
N HIS C 215 33.90 -6.57 16.87
CA HIS C 215 34.96 -7.47 17.32
C HIS C 215 34.35 -8.81 17.65
N HIS C 216 34.89 -9.88 17.05
CA HIS C 216 34.32 -11.22 17.19
C HIS C 216 35.43 -12.19 17.55
N PRO C 217 35.58 -12.53 18.84
CA PRO C 217 36.60 -13.52 19.22
C PRO C 217 36.31 -14.87 18.60
N ILE C 218 37.39 -15.59 18.26
CA ILE C 218 37.26 -16.94 17.74
C ILE C 218 38.10 -17.95 18.51
N SER C 219 39.13 -17.53 19.22
CA SER C 219 39.88 -18.39 20.13
C SER C 219 40.60 -17.50 21.13
N ASP C 220 41.30 -18.12 22.08
CA ASP C 220 42.11 -17.37 23.02
C ASP C 220 43.29 -16.68 22.35
N HIS C 221 43.63 -17.08 21.12
CA HIS C 221 44.77 -16.52 20.40
C HIS C 221 44.38 -15.57 19.27
N GLU C 222 43.17 -15.66 18.73
CA GLU C 222 42.80 -14.90 17.53
C GLU C 222 41.44 -14.25 17.70
N ALA C 223 41.20 -13.21 16.88
CA ALA C 223 39.93 -12.52 16.86
C ALA C 223 39.69 -11.94 15.47
N THR C 224 38.43 -11.76 15.13
CA THR C 224 38.05 -11.17 13.85
C THR C 224 37.61 -9.74 14.06
N LEU C 225 38.21 -8.82 13.31
CA LEU C 225 37.74 -7.45 13.26
C LEU C 225 36.92 -7.28 11.99
N ARG C 226 35.72 -6.73 12.13
CA ARG C 226 34.82 -6.54 11.00
C ARG C 226 34.48 -5.05 10.87
N CYS C 227 34.74 -4.49 9.69
CA CYS C 227 34.57 -3.09 9.38
C CYS C 227 33.32 -2.94 8.51
N TRP C 228 32.36 -2.13 8.96
CA TRP C 228 31.04 -2.07 8.36
C TRP C 228 30.84 -0.75 7.62
N ALA C 229 30.17 -0.82 6.48
CA ALA C 229 29.72 0.36 5.74
C ALA C 229 28.26 0.15 5.34
N LEU C 230 27.37 1.04 5.79
CA LEU C 230 25.93 0.85 5.62
C LEU C 230 25.26 2.11 5.08
N GLY C 231 24.18 1.89 4.33
CA GLY C 231 23.33 2.97 3.84
C GLY C 231 23.96 3.90 2.82
N PHE C 232 24.89 3.42 2.00
CA PHE C 232 25.54 4.31 1.07
C PHE C 232 24.95 4.18 -0.33
N TYR C 233 25.13 5.24 -1.13
CA TYR C 233 24.72 5.32 -2.53
C TYR C 233 25.66 6.30 -3.20
N PRO C 234 26.20 5.98 -4.39
CA PRO C 234 26.02 4.74 -5.17
C PRO C 234 26.75 3.54 -4.55
N ALA C 235 26.74 2.40 -5.26
CA ALA C 235 27.24 1.15 -4.70
C ALA C 235 28.75 1.07 -4.68
N GLU C 236 29.43 1.84 -5.55
CA GLU C 236 30.88 1.80 -5.62
C GLU C 236 31.48 2.23 -4.28
N ILE C 237 32.35 1.38 -3.73
CA ILE C 237 32.98 1.67 -2.45
C ILE C 237 34.23 0.80 -2.36
N THR C 238 35.21 1.26 -1.58
CA THR C 238 36.45 0.51 -1.40
C THR C 238 36.75 0.42 0.10
N LEU C 239 36.87 -0.81 0.60
CA LEU C 239 37.24 -1.09 1.98
C LEU C 239 38.57 -1.84 1.99
N THR C 240 39.54 -1.32 2.75
CA THR C 240 40.86 -1.93 2.80
C THR C 240 41.35 -1.97 4.25
N TRP C 241 42.27 -2.90 4.51
CA TRP C 241 42.87 -3.04 5.82
C TRP C 241 44.34 -2.64 5.78
N GLN C 242 44.82 -2.07 6.89
CA GLN C 242 46.23 -1.80 7.07
C GLN C 242 46.66 -2.26 8.45
N ARG C 243 47.88 -2.77 8.55
CA ARG C 243 48.52 -3.08 9.82
C ARG C 243 49.80 -2.27 9.93
N ASP C 244 49.93 -1.51 11.02
CA ASP C 244 51.04 -0.59 11.21
C ASP C 244 51.17 0.39 10.04
N GLY C 245 50.06 0.76 9.42
CA GLY C 245 50.06 1.64 8.27
C GLY C 245 50.49 1.00 6.97
N GLU C 246 50.78 -0.29 6.97
CA GLU C 246 51.15 -1.03 5.77
C GLU C 246 49.93 -1.84 5.29
N ASP C 247 49.76 -1.90 3.98
CA ASP C 247 48.64 -2.62 3.40
C ASP C 247 48.57 -4.04 3.92
N GLN C 248 47.38 -4.44 4.35
CA GLN C 248 47.15 -5.75 4.94
C GLN C 248 46.15 -6.50 4.07
N THR C 249 46.63 -7.52 3.37
CA THR C 249 45.80 -8.33 2.50
C THR C 249 45.68 -9.78 2.95
N GLN C 250 46.65 -10.31 3.66
CA GLN C 250 46.56 -11.69 4.13
C GLN C 250 45.52 -11.79 5.25
N ASP C 251 44.78 -12.90 5.25
CA ASP C 251 43.80 -13.20 6.28
C ASP C 251 42.68 -12.16 6.33
N THR C 252 42.35 -11.58 5.17
CA THR C 252 41.25 -10.63 5.06
C THR C 252 40.13 -11.24 4.24
N GLU C 253 38.90 -10.84 4.56
CA GLU C 253 37.71 -11.26 3.82
C GLU C 253 36.89 -10.03 3.46
N LEU C 254 36.24 -10.11 2.31
CA LEU C 254 35.47 -9.00 1.77
C LEU C 254 34.19 -9.58 1.18
N VAL C 255 33.03 -9.09 1.62
CA VAL C 255 31.78 -9.59 1.07
C VAL C 255 31.41 -8.75 -0.14
N GLU C 256 30.63 -9.36 -1.03
CA GLU C 256 30.09 -8.62 -2.16
C GLU C 256 29.18 -7.51 -1.65
N THR C 257 29.29 -6.33 -2.26
CA THR C 257 28.35 -5.26 -1.94
C THR C 257 26.92 -5.73 -2.15
N ARG C 258 26.04 -5.42 -1.21
CA ARG C 258 24.70 -5.99 -1.20
C ARG C 258 23.65 -4.93 -1.00
N PRO C 259 22.46 -5.10 -1.57
CA PRO C 259 21.42 -4.07 -1.43
C PRO C 259 20.72 -4.16 -0.08
N ALA C 260 20.51 -2.98 0.54
CA ALA C 260 19.75 -2.96 1.78
C ALA C 260 18.27 -3.22 1.54
N GLY C 261 17.78 -2.89 0.36
CA GLY C 261 16.36 -2.98 0.05
C GLY C 261 15.62 -1.66 0.12
N ASP C 262 16.34 -0.54 0.28
CA ASP C 262 15.75 0.79 0.33
C ASP C 262 16.49 1.78 -0.56
N GLY C 263 17.17 1.30 -1.60
CA GLY C 263 17.91 2.17 -2.49
C GLY C 263 19.36 2.41 -2.11
N THR C 264 19.80 1.92 -0.95
CA THR C 264 21.17 2.06 -0.49
C THR C 264 21.83 0.69 -0.39
N PHE C 265 23.13 0.69 -0.15
CA PHE C 265 23.89 -0.55 -0.23
C PHE C 265 24.69 -0.77 1.05
N GLN C 266 25.18 -2.00 1.21
CA GLN C 266 25.91 -2.43 2.39
C GLN C 266 27.15 -3.19 1.95
N LYS C 267 28.17 -3.17 2.80
CA LYS C 267 29.38 -3.95 2.58
C LYS C 267 30.16 -4.00 3.87
N TRP C 268 30.89 -5.09 4.09
CA TRP C 268 31.85 -5.12 5.17
C TRP C 268 33.12 -5.83 4.74
N ALA C 269 34.20 -5.54 5.46
CA ALA C 269 35.49 -6.18 5.31
C ALA C 269 35.93 -6.68 6.67
N ALA C 270 36.68 -7.77 6.69
CA ALA C 270 37.10 -8.36 7.96
C ALA C 270 38.56 -8.83 7.89
N VAL C 271 39.21 -8.87 9.05
CA VAL C 271 40.57 -9.37 9.17
C VAL C 271 40.68 -10.15 10.47
N VAL C 272 41.39 -11.28 10.41
CA VAL C 272 41.66 -12.09 11.61
C VAL C 272 42.97 -11.63 12.21
N VAL C 273 42.94 -11.27 13.49
CA VAL C 273 44.13 -10.66 14.12
C VAL C 273 44.51 -11.45 15.36
N PRO C 274 45.77 -11.41 15.79
CA PRO C 274 46.13 -12.02 17.06
C PRO C 274 45.52 -11.27 18.23
N SER C 275 45.10 -12.01 19.26
CA SER C 275 44.54 -11.39 20.44
C SER C 275 45.58 -10.48 21.09
N GLY C 276 45.21 -9.22 21.31
CA GLY C 276 46.10 -8.23 21.86
C GLY C 276 46.71 -7.29 20.84
N GLU C 277 46.69 -7.67 19.56
CA GLU C 277 47.23 -6.84 18.50
C GLU C 277 46.15 -6.11 17.72
N GLU C 278 44.94 -5.97 18.28
CA GLU C 278 43.84 -5.37 17.54
C GLU C 278 44.14 -3.93 17.14
N GLN C 279 44.88 -3.20 17.98
CA GLN C 279 45.13 -1.79 17.73
C GLN C 279 46.19 -1.55 16.66
N ARG C 280 46.82 -2.60 16.14
CA ARG C 280 47.71 -2.45 15.00
C ARG C 280 46.96 -2.28 13.69
N TYR C 281 45.67 -2.59 13.66
CA TYR C 281 44.90 -2.68 12.42
C TYR C 281 43.96 -1.50 12.27
N THR C 282 43.85 -0.98 11.05
CA THR C 282 42.93 0.10 10.72
C THR C 282 42.17 -0.26 9.45
N CYS C 283 40.94 0.23 9.37
CA CYS C 283 40.09 0.01 8.21
C CYS C 283 39.87 1.35 7.51
N HIS C 284 39.91 1.32 6.18
CA HIS C 284 39.88 2.54 5.40
C HIS C 284 38.76 2.46 4.39
N VAL C 285 37.89 3.46 4.40
CA VAL C 285 36.66 3.49 3.62
C VAL C 285 36.75 4.63 2.62
N GLN C 286 36.62 4.31 1.34
CA GLN C 286 36.61 5.29 0.27
C GLN C 286 35.26 5.22 -0.42
N HIS C 287 34.59 6.37 -0.50
CA HIS C 287 33.28 6.47 -1.13
C HIS C 287 33.06 7.89 -1.64
N GLU C 288 32.34 7.99 -2.76
CA GLU C 288 32.13 9.29 -3.40
C GLU C 288 31.41 10.28 -2.49
N GLY C 289 30.56 9.78 -1.59
CA GLY C 289 29.85 10.67 -0.70
C GLY C 289 30.60 11.14 0.52
N LEU C 290 31.85 10.72 0.69
CA LEU C 290 32.64 11.14 1.85
C LEU C 290 33.50 12.33 1.48
N PRO C 291 33.50 13.40 2.29
CA PRO C 291 34.41 14.52 2.02
C PRO C 291 35.87 14.09 1.95
N LYS C 292 36.25 13.08 2.73
CA LYS C 292 37.60 12.53 2.69
C LYS C 292 37.55 11.11 3.24
N PRO C 293 38.51 10.26 2.87
CA PRO C 293 38.46 8.85 3.30
C PRO C 293 38.47 8.71 4.81
N LEU C 294 37.78 7.68 5.29
CA LEU C 294 37.61 7.41 6.71
C LEU C 294 38.59 6.33 7.18
N THR C 295 39.03 6.47 8.43
CA THR C 295 39.85 5.46 9.09
C THR C 295 39.14 5.03 10.37
N LEU C 296 39.03 3.72 10.57
CA LEU C 296 38.40 3.18 11.76
C LEU C 296 39.37 2.28 12.50
N ARG C 297 39.33 2.38 13.83
CA ARG C 297 40.11 1.52 14.72
C ARG C 297 39.15 0.86 15.69
N TRP C 298 39.52 -0.32 16.16
CA TRP C 298 38.73 -0.97 17.22
C TRP C 298 38.91 -0.20 18.53
N MET D 1 24.23 -24.10 -20.90
CA MET D 1 25.45 -24.89 -20.80
C MET D 1 26.33 -24.38 -19.67
N ILE D 2 26.71 -23.10 -19.74
CA ILE D 2 27.53 -22.48 -18.71
C ILE D 2 26.67 -22.14 -17.50
N GLN D 3 26.55 -23.08 -16.56
CA GLN D 3 25.77 -22.88 -15.35
C GLN D 3 26.66 -22.47 -14.19
N ARG D 4 26.12 -21.64 -13.31
CA ARG D 4 26.85 -21.07 -12.18
C ARG D 4 26.01 -21.18 -10.93
N THR D 5 26.63 -21.63 -9.84
CA THR D 5 25.95 -21.83 -8.58
C THR D 5 25.81 -20.50 -7.83
N PRO D 6 24.71 -20.29 -7.11
CA PRO D 6 24.46 -18.99 -6.50
C PRO D 6 25.32 -18.71 -5.28
N LYS D 7 25.68 -17.45 -5.14
CA LYS D 7 26.16 -16.91 -3.88
C LYS D 7 24.96 -16.46 -3.06
N ILE D 8 25.09 -16.57 -1.73
CA ILE D 8 23.97 -16.28 -0.83
C ILE D 8 24.45 -15.41 0.31
N GLN D 9 23.73 -14.33 0.61
CA GLN D 9 23.93 -13.55 1.81
C GLN D 9 22.59 -13.33 2.50
N VAL D 10 22.53 -13.61 3.79
N VAL D 10 22.55 -13.58 3.80
CA VAL D 10 21.34 -13.34 4.59
CA VAL D 10 21.38 -13.36 4.63
C VAL D 10 21.70 -12.29 5.62
C VAL D 10 21.71 -12.27 5.63
N TYR D 11 20.86 -11.26 5.72
CA TYR D 11 21.19 -10.08 6.52
C TYR D 11 19.93 -9.25 6.70
N SER D 12 20.04 -8.23 7.52
CA SER D 12 18.92 -7.33 7.80
C SER D 12 19.17 -5.97 7.17
N ARG D 13 18.08 -5.26 6.88
CA ARG D 13 18.20 -3.95 6.27
C ARG D 13 18.85 -2.95 7.22
N HIS D 14 18.42 -2.95 8.47
CA HIS D 14 18.95 -2.09 9.52
C HIS D 14 19.58 -2.94 10.60
N PRO D 15 20.55 -2.40 11.34
CA PRO D 15 21.13 -3.16 12.46
C PRO D 15 20.03 -3.74 13.34
N ALA D 16 20.17 -5.03 13.66
CA ALA D 16 19.13 -5.73 14.39
C ALA D 16 19.03 -5.23 15.82
N GLU D 17 17.80 -5.00 16.28
CA GLU D 17 17.51 -4.68 17.68
C GLU D 17 16.34 -5.55 18.12
N ASN D 18 16.56 -6.36 19.14
CA ASN D 18 15.50 -7.24 19.62
C ASN D 18 14.28 -6.43 20.00
N GLY D 19 13.14 -6.73 19.35
CA GLY D 19 11.89 -6.05 19.60
C GLY D 19 11.50 -5.02 18.57
N LYS D 20 12.45 -4.49 17.81
CA LYS D 20 12.16 -3.48 16.79
C LYS D 20 11.93 -4.15 15.43
N SER D 21 10.97 -3.62 14.68
CA SER D 21 10.66 -4.15 13.37
C SER D 21 11.80 -3.88 12.40
N ASN D 22 12.00 -4.80 11.47
CA ASN D 22 13.13 -4.74 10.55
C ASN D 22 12.75 -5.53 9.30
N PHE D 23 13.70 -5.67 8.38
CA PHE D 23 13.51 -6.47 7.18
C PHE D 23 14.59 -7.54 7.11
N LEU D 24 14.17 -8.78 6.87
CA LEU D 24 15.09 -9.88 6.64
C LEU D 24 15.34 -9.98 5.14
N ASN D 25 16.61 -9.91 4.76
CA ASN D 25 17.05 -9.92 3.36
C ASN D 25 17.77 -11.23 3.06
N CYS D 26 17.51 -11.78 1.88
CA CYS D 26 18.33 -12.86 1.33
C CYS D 26 18.69 -12.46 -0.09
N TYR D 27 19.97 -12.17 -0.30
CA TYR D 27 20.49 -11.71 -1.58
C TYR D 27 21.16 -12.90 -2.25
N VAL D 28 20.62 -13.32 -3.39
CA VAL D 28 21.19 -14.41 -4.18
C VAL D 28 21.74 -13.79 -5.46
N SER D 29 22.96 -14.18 -5.81
CA SER D 29 23.65 -13.56 -6.93
C SER D 29 24.60 -14.56 -7.56
N GLY D 30 25.18 -14.17 -8.69
CA GLY D 30 26.18 -15.00 -9.35
C GLY D 30 25.69 -16.33 -9.88
N PHE D 31 24.39 -16.48 -10.15
CA PHE D 31 23.86 -17.75 -10.60
C PHE D 31 23.36 -17.69 -12.04
N HIS D 32 23.26 -18.88 -12.65
CA HIS D 32 22.83 -19.09 -14.04
C HIS D 32 22.48 -20.56 -14.22
N PRO D 33 21.31 -20.91 -14.79
CA PRO D 33 20.26 -20.05 -15.35
C PRO D 33 19.44 -19.34 -14.27
N SER D 34 18.39 -18.61 -14.65
CA SER D 34 17.74 -17.66 -13.76
C SER D 34 16.69 -18.29 -12.84
N ASP D 35 16.16 -19.45 -13.20
CA ASP D 35 15.16 -20.09 -12.34
C ASP D 35 15.82 -20.50 -11.02
N ILE D 36 15.19 -20.11 -9.91
CA ILE D 36 15.76 -20.39 -8.59
C ILE D 36 14.62 -20.37 -7.58
N GLU D 37 14.77 -21.14 -6.50
CA GLU D 37 13.79 -21.20 -5.41
C GLU D 37 14.41 -20.62 -4.15
N VAL D 38 13.78 -19.59 -3.58
CA VAL D 38 14.29 -18.93 -2.38
C VAL D 38 13.16 -18.79 -1.38
N ASP D 39 13.37 -19.33 -0.18
CA ASP D 39 12.44 -19.20 0.93
C ASP D 39 13.15 -18.59 2.12
N LEU D 40 12.46 -17.68 2.81
CA LEU D 40 12.90 -17.19 4.11
C LEU D 40 12.25 -18.05 5.19
N LEU D 41 13.05 -18.46 6.17
CA LEU D 41 12.61 -19.39 7.20
C LEU D 41 12.63 -18.72 8.56
N LYS D 42 11.62 -19.01 9.37
CA LYS D 42 11.57 -18.63 10.78
C LYS D 42 11.42 -19.92 11.58
N ASN D 43 12.43 -20.24 12.38
CA ASN D 43 12.46 -21.46 13.19
C ASN D 43 12.12 -22.69 12.35
N GLY D 44 12.70 -22.75 11.14
CA GLY D 44 12.58 -23.91 10.29
C GLY D 44 11.37 -23.92 9.37
N GLU D 45 10.46 -22.97 9.48
CA GLU D 45 9.23 -22.98 8.71
C GLU D 45 9.21 -21.83 7.72
N ARG D 46 8.63 -22.08 6.54
CA ARG D 46 8.62 -21.10 5.47
C ARG D 46 7.79 -19.88 5.85
N ILE D 47 8.40 -18.69 5.74
CA ILE D 47 7.66 -17.45 5.90
C ILE D 47 6.79 -17.23 4.67
N GLU D 48 5.51 -16.90 4.89
CA GLU D 48 4.55 -17.00 3.81
C GLU D 48 4.52 -15.77 2.91
N LYS D 49 4.73 -14.58 3.45
CA LYS D 49 4.72 -13.36 2.66
C LYS D 49 6.16 -12.90 2.43
N VAL D 50 6.71 -13.23 1.26
CA VAL D 50 8.05 -12.80 0.88
C VAL D 50 7.98 -12.10 -0.47
N GLU D 51 8.60 -10.94 -0.57
CA GLU D 51 8.71 -10.22 -1.83
C GLU D 51 10.13 -10.33 -2.37
N HIS D 52 10.28 -10.06 -3.67
CA HIS D 52 11.59 -10.14 -4.31
C HIS D 52 11.73 -9.08 -5.39
N SER D 53 12.96 -8.68 -5.64
CA SER D 53 13.22 -7.68 -6.65
C SER D 53 12.97 -8.26 -8.05
N ASP D 54 12.94 -7.38 -9.04
CA ASP D 54 12.85 -7.80 -10.44
C ASP D 54 14.16 -8.40 -10.91
N LEU D 55 14.07 -9.53 -11.62
CA LEU D 55 15.26 -10.23 -12.13
C LEU D 55 16.17 -9.29 -12.91
N SER D 56 17.43 -9.23 -12.50
CA SER D 56 18.44 -8.48 -13.23
C SER D 56 19.70 -9.33 -13.29
N PHE D 57 20.71 -8.82 -13.99
CA PHE D 57 21.95 -9.59 -14.06
C PHE D 57 23.14 -8.65 -14.18
N SER D 58 24.31 -9.22 -13.92
CA SER D 58 25.56 -8.48 -13.87
C SER D 58 26.24 -8.50 -15.24
N LYS D 59 27.33 -7.73 -15.34
CA LYS D 59 28.08 -7.63 -16.59
C LYS D 59 28.55 -9.00 -17.07
N ASP D 60 28.85 -9.91 -16.13
CA ASP D 60 29.25 -11.26 -16.50
C ASP D 60 28.07 -12.19 -16.80
N TRP D 61 26.86 -11.65 -16.95
CA TRP D 61 25.62 -12.33 -17.33
C TRP D 61 24.96 -13.06 -16.16
N SER D 62 25.58 -13.15 -14.99
CA SER D 62 24.97 -13.90 -13.90
C SER D 62 23.87 -13.08 -13.24
N PHE D 63 22.82 -13.78 -12.79
CA PHE D 63 21.62 -13.16 -12.25
C PHE D 63 21.76 -12.87 -10.76
N TYR D 64 20.94 -11.91 -10.30
CA TYR D 64 20.87 -11.59 -8.88
C TYR D 64 19.46 -11.19 -8.52
N LEU D 65 19.06 -11.55 -7.29
CA LEU D 65 17.74 -11.28 -6.76
C LEU D 65 17.86 -10.99 -5.26
N LEU D 66 17.07 -10.04 -4.80
CA LEU D 66 16.91 -9.76 -3.37
C LEU D 66 15.53 -10.23 -2.95
N TYR D 67 15.47 -11.14 -1.99
CA TYR D 67 14.23 -11.59 -1.36
C TYR D 67 14.12 -10.97 0.03
N TYR D 68 12.95 -10.46 0.38
CA TYR D 68 12.87 -9.70 1.62
C TYR D 68 11.48 -9.80 2.23
N THR D 69 11.42 -9.70 3.55
CA THR D 69 10.14 -9.72 4.26
C THR D 69 10.34 -8.97 5.58
N GLU D 70 9.23 -8.44 6.10
CA GLU D 70 9.28 -7.79 7.39
C GLU D 70 9.49 -8.85 8.47
N PHE D 71 10.27 -8.50 9.49
CA PHE D 71 10.37 -9.39 10.65
C PHE D 71 10.77 -8.57 11.86
N THR D 72 10.56 -9.17 13.03
CA THR D 72 11.04 -8.58 14.28
C THR D 72 12.02 -9.56 14.92
N PRO D 73 13.31 -9.28 14.90
CA PRO D 73 14.28 -10.20 15.49
C PRO D 73 14.15 -10.24 17.00
N THR D 74 14.34 -11.43 17.56
CA THR D 74 14.36 -11.65 18.99
C THR D 74 15.63 -12.41 19.34
N GLU D 75 15.89 -12.57 20.63
CA GLU D 75 17.06 -13.32 21.05
C GLU D 75 16.92 -14.81 20.75
N LYS D 76 15.69 -15.32 20.67
CA LYS D 76 15.44 -16.76 20.56
C LYS D 76 15.09 -17.23 19.15
N ASP D 77 14.39 -16.40 18.37
CA ASP D 77 13.96 -16.82 17.04
C ASP D 77 15.13 -16.94 16.08
N GLU D 78 15.12 -18.03 15.30
CA GLU D 78 16.18 -18.33 14.34
C GLU D 78 15.66 -18.15 12.92
N TYR D 79 16.37 -17.34 12.14
CA TYR D 79 15.99 -17.05 10.76
C TYR D 79 17.06 -17.57 9.81
N ALA D 80 16.62 -17.95 8.62
CA ALA D 80 17.52 -18.51 7.61
C ALA D 80 16.93 -18.28 6.23
N CYS D 81 17.76 -18.49 5.22
CA CYS D 81 17.33 -18.48 3.83
C CYS D 81 17.60 -19.87 3.25
N ARG D 82 16.63 -20.42 2.54
CA ARG D 82 16.76 -21.72 1.88
C ARG D 82 16.75 -21.49 0.37
N VAL D 83 17.79 -21.96 -0.31
CA VAL D 83 17.95 -21.72 -1.75
C VAL D 83 18.10 -23.06 -2.45
N ASN D 84 17.37 -23.25 -3.55
CA ASN D 84 17.62 -24.38 -4.42
C ASN D 84 17.78 -23.90 -5.86
N HIS D 85 18.65 -24.59 -6.59
CA HIS D 85 19.00 -24.22 -7.95
C HIS D 85 19.44 -25.49 -8.65
N VAL D 86 19.30 -25.52 -9.98
CA VAL D 86 19.67 -26.71 -10.74
C VAL D 86 21.13 -27.11 -10.46
N THR D 87 21.99 -26.14 -10.13
CA THR D 87 23.38 -26.42 -9.79
C THR D 87 23.56 -26.97 -8.37
N LEU D 88 22.53 -26.94 -7.54
CA LEU D 88 22.61 -27.44 -6.17
C LEU D 88 21.98 -28.82 -6.09
N SER D 89 22.73 -29.79 -5.54
CA SER D 89 22.19 -31.13 -5.41
CA SER D 89 22.19 -31.13 -5.41
C SER D 89 21.01 -31.15 -4.45
N GLN D 90 21.11 -30.43 -3.35
CA GLN D 90 20.08 -30.29 -2.34
C GLN D 90 19.97 -28.82 -1.97
N PRO D 91 18.83 -28.40 -1.41
CA PRO D 91 18.71 -27.02 -0.96
C PRO D 91 19.86 -26.64 -0.03
N LYS D 92 20.33 -25.40 -0.15
CA LYS D 92 21.36 -24.87 0.71
C LYS D 92 20.74 -23.92 1.73
N ILE D 93 21.12 -24.07 2.99
CA ILE D 93 20.60 -23.28 4.10
C ILE D 93 21.70 -22.34 4.55
N VAL D 94 21.40 -21.06 4.63
CA VAL D 94 22.30 -20.08 5.21
C VAL D 94 21.55 -19.39 6.35
N LYS D 95 22.08 -19.51 7.56
CA LYS D 95 21.40 -18.96 8.73
C LYS D 95 21.69 -17.47 8.85
N TRP D 96 20.70 -16.72 9.30
CA TRP D 96 20.90 -15.30 9.55
C TRP D 96 21.77 -15.10 10.79
N ASP D 97 22.88 -14.38 10.61
CA ASP D 97 23.77 -13.99 11.70
C ASP D 97 23.79 -12.46 11.74
N ARG D 98 23.26 -11.88 12.81
CA ARG D 98 23.20 -10.42 12.93
C ARG D 98 24.58 -9.77 12.93
N ASP D 99 25.66 -10.54 13.09
CA ASP D 99 27.02 -10.00 13.03
C ASP D 99 27.62 -10.09 11.64
N MET D 100 26.84 -10.48 10.64
CA MET D 100 27.31 -10.55 9.26
C MET D 100 26.32 -9.94 8.27
N GLY E 25 -16.13 -0.74 -30.67
CA GLY E 25 -15.35 0.01 -29.72
C GLY E 25 -16.21 0.85 -28.79
N SER E 26 -17.30 0.26 -28.31
CA SER E 26 -18.25 0.93 -27.44
C SER E 26 -17.85 0.78 -25.97
N HIS E 27 -18.32 1.72 -25.16
CA HIS E 27 -17.99 1.74 -23.74
C HIS E 27 -19.22 2.16 -22.95
N SER E 28 -19.20 1.86 -21.65
CA SER E 28 -20.33 2.16 -20.81
C SER E 28 -19.86 2.67 -19.48
N MET E 29 -20.69 3.50 -18.86
CA MET E 29 -20.55 3.85 -17.45
C MET E 29 -21.83 3.43 -16.74
N ARG E 30 -21.68 2.84 -15.55
CA ARG E 30 -22.82 2.40 -14.76
C ARG E 30 -22.58 2.77 -13.31
N TYR E 31 -23.64 3.22 -12.64
CA TYR E 31 -23.63 3.39 -11.19
C TYR E 31 -24.66 2.45 -10.59
N PHE E 32 -24.33 1.92 -9.41
CA PHE E 32 -25.18 0.97 -8.71
C PHE E 32 -25.33 1.45 -7.27
N TYR E 33 -26.55 1.82 -6.89
CA TYR E 33 -26.84 2.32 -5.56
C TYR E 33 -27.65 1.27 -4.83
N THR E 34 -27.26 0.96 -3.59
CA THR E 34 -28.03 0.03 -2.76
C THR E 34 -28.26 0.66 -1.40
N SER E 35 -29.53 0.74 -1.00
CA SER E 35 -29.90 1.13 0.35
C SER E 35 -30.63 -0.02 1.01
N VAL E 36 -30.17 -0.44 2.19
CA VAL E 36 -30.74 -1.57 2.91
C VAL E 36 -31.13 -1.12 4.29
N SER E 37 -32.42 -1.20 4.60
CA SER E 37 -32.89 -0.74 5.89
C SER E 37 -32.36 -1.64 7.01
N ARG E 38 -32.29 -1.07 8.21
CA ARG E 38 -31.86 -1.85 9.36
C ARG E 38 -32.95 -1.87 10.42
N PRO E 39 -33.19 -3.03 11.05
CA PRO E 39 -34.25 -3.17 12.05
C PRO E 39 -34.06 -2.24 13.26
N GLY E 42 -30.25 2.24 13.11
CA GLY E 42 -31.53 2.45 12.45
C GLY E 42 -31.40 3.05 11.06
N GLU E 43 -30.36 3.86 10.87
CA GLU E 43 -30.10 4.44 9.57
C GLU E 43 -29.75 3.34 8.55
N PRO E 44 -30.32 3.37 7.35
CA PRO E 44 -30.04 2.30 6.39
C PRO E 44 -28.59 2.32 5.93
N ARG E 45 -28.11 1.13 5.55
CA ARG E 45 -26.79 0.99 4.94
C ARG E 45 -26.88 1.38 3.48
N PHE E 46 -26.09 2.37 3.06
CA PHE E 46 -26.07 2.82 1.67
C PHE E 46 -24.70 2.63 1.09
N ILE E 47 -24.63 1.94 -0.05
CA ILE E 47 -23.40 1.70 -0.78
C ILE E 47 -23.61 2.06 -2.24
N ALA E 48 -22.73 2.91 -2.78
CA ALA E 48 -22.75 3.22 -4.20
C ALA E 48 -21.42 2.84 -4.82
N VAL E 49 -21.45 2.31 -6.05
CA VAL E 49 -20.23 2.00 -6.80
C VAL E 49 -20.39 2.49 -8.23
N GLY E 50 -19.31 3.01 -8.80
CA GLY E 50 -19.27 3.40 -10.20
C GLY E 50 -18.32 2.52 -10.99
N TYR E 51 -18.76 2.13 -12.19
CA TYR E 51 -17.99 1.32 -13.12
C TYR E 51 -17.83 2.07 -14.43
N VAL E 52 -16.68 1.91 -15.06
CA VAL E 52 -16.53 2.13 -16.48
C VAL E 52 -16.25 0.76 -17.08
N ASP E 53 -17.13 0.33 -17.99
CA ASP E 53 -17.11 -1.04 -18.47
C ASP E 53 -17.07 -1.99 -17.26
N ASP E 54 -16.04 -2.82 -17.15
CA ASP E 54 -15.94 -3.78 -16.06
C ASP E 54 -15.01 -3.32 -14.96
N THR E 55 -14.60 -2.06 -14.96
CA THR E 55 -13.66 -1.54 -13.97
C THR E 55 -14.39 -0.61 -13.00
N GLN E 56 -14.33 -0.95 -11.72
CA GLN E 56 -14.84 -0.05 -10.68
C GLN E 56 -13.86 1.09 -10.48
N PHE E 57 -14.38 2.30 -10.24
CA PHE E 57 -13.50 3.45 -10.02
C PHE E 57 -13.88 4.33 -8.85
N VAL E 58 -15.10 4.23 -8.31
CA VAL E 58 -15.46 4.98 -7.11
C VAL E 58 -16.33 4.11 -6.22
N ARG E 59 -16.42 4.50 -4.95
CA ARG E 59 -17.38 3.89 -4.04
C ARG E 59 -17.79 4.93 -3.01
N PHE E 60 -18.97 4.71 -2.43
CA PHE E 60 -19.43 5.42 -1.24
C PHE E 60 -20.02 4.37 -0.32
N ASP E 61 -19.74 4.52 0.97
CA ASP E 61 -20.25 3.60 1.99
C ASP E 61 -20.65 4.42 3.21
N SER E 62 -21.93 4.38 3.57
CA SER E 62 -22.45 5.15 4.69
C SER E 62 -21.81 4.76 6.01
N ASP E 63 -21.21 3.56 6.09
CA ASP E 63 -20.52 3.13 7.30
C ASP E 63 -19.10 3.68 7.40
N ALA E 64 -18.47 4.02 6.28
CA ALA E 64 -17.11 4.53 6.32
C ALA E 64 -17.01 5.81 7.13
N ALA E 65 -15.82 6.07 7.68
CA ALA E 65 -15.63 7.22 8.54
C ALA E 65 -15.61 8.52 7.76
N SER E 66 -15.17 8.48 6.49
CA SER E 66 -14.98 9.70 5.71
C SER E 66 -16.31 10.34 5.34
N GLN E 67 -17.35 9.54 5.11
CA GLN E 67 -18.62 10.01 4.57
C GLN E 67 -18.41 10.75 3.25
N ARG E 68 -17.48 10.25 2.42
CA ARG E 68 -17.10 10.88 1.16
C ARG E 68 -17.05 9.83 0.06
N MET E 69 -17.28 10.28 -1.18
CA MET E 69 -16.99 9.43 -2.33
C MET E 69 -15.49 9.17 -2.41
N GLU E 70 -15.11 7.91 -2.61
CA GLU E 70 -13.71 7.56 -2.55
C GLU E 70 -13.22 6.99 -3.89
N PRO E 71 -11.96 7.25 -4.25
CA PRO E 71 -11.39 6.64 -5.45
C PRO E 71 -11.15 5.15 -5.26
N ARG E 72 -11.40 4.39 -6.33
CA ARG E 72 -11.12 2.96 -6.33
C ARG E 72 -10.35 2.53 -7.56
N ALA E 73 -9.92 3.48 -8.38
CA ALA E 73 -9.06 3.25 -9.53
C ALA E 73 -7.94 4.27 -9.53
N PRO E 74 -6.78 3.92 -10.08
CA PRO E 74 -5.67 4.89 -10.08
C PRO E 74 -5.98 6.15 -10.87
N TRP E 75 -6.65 6.02 -12.02
CA TRP E 75 -6.81 7.16 -12.93
C TRP E 75 -7.86 8.16 -12.48
N ILE E 76 -8.67 7.84 -11.47
CA ILE E 76 -9.62 8.81 -10.95
C ILE E 76 -9.04 9.69 -9.85
N GLU E 77 -7.88 9.30 -9.27
CA GLU E 77 -7.32 10.07 -8.15
C GLU E 77 -6.90 11.48 -8.55
N GLN E 78 -6.64 11.73 -9.84
CA GLN E 78 -6.19 13.05 -10.25
C GLN E 78 -7.27 14.11 -10.19
N GLU E 79 -8.51 13.75 -9.88
CA GLU E 79 -9.57 14.75 -9.82
C GLU E 79 -9.43 15.61 -8.58
N GLY E 80 -9.78 16.88 -8.72
CA GLY E 80 -9.53 17.86 -7.68
C GLY E 80 -10.61 17.87 -6.62
N PRO E 81 -10.46 18.80 -5.67
CA PRO E 81 -11.41 18.84 -4.54
C PRO E 81 -12.83 19.18 -4.95
N GLU E 82 -13.01 19.99 -6.00
CA GLU E 82 -14.37 20.31 -6.43
C GLU E 82 -15.08 19.07 -6.98
N TYR E 83 -14.34 18.15 -7.60
CA TYR E 83 -14.96 16.92 -8.09
C TYR E 83 -15.47 16.08 -6.93
N TRP E 84 -14.62 15.81 -5.94
CA TRP E 84 -15.03 14.97 -4.82
C TRP E 84 -16.08 15.64 -3.95
N ASP E 85 -16.01 16.97 -3.80
CA ASP E 85 -17.08 17.70 -3.13
C ASP E 85 -18.42 17.46 -3.83
N GLN E 86 -18.44 17.58 -5.15
CA GLN E 86 -19.70 17.47 -5.88
C GLN E 86 -20.21 16.03 -5.89
N GLU E 87 -19.32 15.05 -6.09
CA GLU E 87 -19.75 13.66 -6.10
C GLU E 87 -20.25 13.22 -4.74
N THR E 88 -19.61 13.72 -3.68
CA THR E 88 -20.07 13.41 -2.33
C THR E 88 -21.45 13.98 -2.07
N ARG E 89 -21.67 15.24 -2.46
N ARG E 89 -21.66 15.26 -2.44
CA ARG E 89 -22.96 15.87 -2.20
CA ARG E 89 -22.96 15.88 -2.21
C ARG E 89 -24.07 15.21 -3.00
C ARG E 89 -24.07 15.17 -2.99
N ASN E 90 -23.81 14.84 -4.25
CA ASN E 90 -24.87 14.29 -5.10
C ASN E 90 -25.20 12.85 -4.74
N VAL E 91 -24.20 12.05 -4.37
CA VAL E 91 -24.50 10.69 -4.00
C VAL E 91 -25.21 10.65 -2.64
N LYS E 92 -24.83 11.55 -1.73
CA LYS E 92 -25.50 11.61 -0.44
C LYS E 92 -26.93 12.12 -0.57
N ALA E 93 -27.16 13.08 -1.46
CA ALA E 93 -28.52 13.57 -1.65
C ALA E 93 -29.44 12.45 -2.12
N GLN E 94 -28.96 11.61 -3.04
CA GLN E 94 -29.79 10.49 -3.47
C GLN E 94 -30.03 9.51 -2.34
N SER E 95 -29.00 9.23 -1.53
CA SER E 95 -29.18 8.27 -0.45
C SER E 95 -30.15 8.78 0.59
N GLN E 96 -30.21 10.10 0.81
CA GLN E 96 -31.17 10.63 1.78
C GLN E 96 -32.60 10.48 1.27
N THR E 97 -32.83 10.70 -0.02
CA THR E 97 -34.16 10.44 -0.57
C THR E 97 -34.50 8.96 -0.56
N ASP E 98 -33.52 8.09 -0.84
CA ASP E 98 -33.79 6.66 -0.78
C ASP E 98 -34.15 6.23 0.64
N ARG E 99 -33.50 6.82 1.64
CA ARG E 99 -33.79 6.52 3.04
C ARG E 99 -35.22 6.88 3.41
N VAL E 100 -35.67 8.08 3.01
CA VAL E 100 -37.06 8.48 3.25
C VAL E 100 -38.02 7.56 2.51
N ASP E 101 -37.72 7.24 1.24
CA ASP E 101 -38.63 6.41 0.46
C ASP E 101 -38.74 5.02 1.05
N LEU E 102 -37.65 4.48 1.60
CA LEU E 102 -37.75 3.21 2.33
C LEU E 102 -38.79 3.32 3.45
N GLY E 103 -38.75 4.40 4.23
CA GLY E 103 -39.72 4.56 5.29
C GLY E 103 -41.13 4.69 4.77
N THR E 104 -41.31 5.43 3.68
CA THR E 104 -42.64 5.58 3.10
C THR E 104 -43.17 4.25 2.56
N LEU E 105 -42.35 3.49 1.84
CA LEU E 105 -42.82 2.22 1.31
C LEU E 105 -43.13 1.24 2.43
N ARG E 106 -42.32 1.28 3.51
CA ARG E 106 -42.59 0.45 4.68
C ARG E 106 -44.01 0.67 5.21
N GLY E 107 -44.43 1.93 5.31
CA GLY E 107 -45.78 2.22 5.79
C GLY E 107 -46.84 1.97 4.74
N TYR E 108 -46.50 2.24 3.47
CA TYR E 108 -47.42 1.95 2.39
C TYR E 108 -47.82 0.49 2.39
N TYR E 109 -46.85 -0.41 2.57
CA TYR E 109 -47.06 -1.84 2.46
C TYR E 109 -47.23 -2.52 3.81
N ASN E 110 -47.31 -1.75 4.90
CA ASN E 110 -47.57 -2.31 6.23
C ASN E 110 -46.53 -3.36 6.63
N GLN E 111 -45.28 -3.14 6.22
CA GLN E 111 -44.22 -4.12 6.46
C GLN E 111 -43.65 -3.94 7.86
N SER E 112 -43.40 -5.07 8.54
CA SER E 112 -43.06 -5.04 9.96
C SER E 112 -41.78 -4.25 10.20
N GLU E 113 -41.70 -3.64 11.38
CA GLU E 113 -40.59 -2.74 11.70
C GLU E 113 -39.28 -3.49 11.97
N ASP E 114 -39.31 -4.82 12.06
CA ASP E 114 -38.11 -5.60 12.29
C ASP E 114 -37.49 -6.15 11.01
N GLY E 115 -38.24 -6.17 9.91
CA GLY E 115 -37.70 -6.68 8.66
C GLY E 115 -36.83 -5.67 7.93
N SER E 116 -36.05 -6.17 6.98
CA SER E 116 -35.12 -5.36 6.20
C SER E 116 -35.60 -5.25 4.76
N HIS E 117 -35.44 -4.06 4.18
CA HIS E 117 -35.92 -3.80 2.82
C HIS E 117 -34.86 -3.03 2.04
N THR E 118 -34.97 -3.09 0.72
CA THR E 118 -33.89 -2.64 -0.17
C THR E 118 -34.43 -1.77 -1.30
N ILE E 119 -33.79 -0.63 -1.52
CA ILE E 119 -33.97 0.16 -2.73
C ILE E 119 -32.64 0.14 -3.48
N GLN E 120 -32.70 -0.21 -4.76
CA GLN E 120 -31.54 -0.22 -5.64
C GLN E 120 -31.79 0.70 -6.81
N ILE E 121 -30.74 1.40 -7.25
CA ILE E 121 -30.79 2.14 -8.50
C ILE E 121 -29.63 1.69 -9.37
N MET E 122 -29.91 1.42 -10.64
CA MET E 122 -28.86 1.33 -11.65
C MET E 122 -29.14 2.37 -12.71
N TYR E 123 -28.09 3.09 -13.13
CA TYR E 123 -28.22 4.06 -14.20
C TYR E 123 -26.86 4.23 -14.88
N GLY E 124 -26.90 4.82 -16.07
CA GLY E 124 -25.67 5.09 -16.79
C GLY E 124 -25.91 5.16 -18.28
N CYS E 125 -24.82 5.25 -19.03
CA CYS E 125 -24.89 5.55 -20.44
C CYS E 125 -23.88 4.70 -21.21
N ASP E 126 -24.16 4.57 -22.51
CA ASP E 126 -23.29 3.87 -23.44
C ASP E 126 -22.85 4.85 -24.52
N VAL E 127 -21.57 4.79 -24.91
CA VAL E 127 -21.05 5.59 -26.01
C VAL E 127 -20.47 4.66 -27.07
N GLY E 128 -20.56 5.10 -28.32
CA GLY E 128 -19.96 4.40 -29.43
C GLY E 128 -18.49 4.75 -29.60
N PRO E 129 -17.87 4.24 -30.67
CA PRO E 129 -16.45 4.56 -30.89
C PRO E 129 -16.18 6.04 -31.09
N ASP E 130 -17.13 6.80 -31.62
CA ASP E 130 -16.98 8.24 -31.81
C ASP E 130 -17.22 9.04 -30.52
N GLY E 131 -17.41 8.37 -29.39
CA GLY E 131 -17.64 9.07 -28.14
C GLY E 131 -19.04 9.60 -27.93
N ARG E 132 -19.96 9.39 -28.87
CA ARG E 132 -21.29 9.98 -28.78
C ARG E 132 -22.27 9.04 -28.08
N PHE E 133 -23.29 9.64 -27.49
CA PHE E 133 -24.33 8.91 -26.78
C PHE E 133 -25.00 7.87 -27.66
N LEU E 134 -25.05 6.63 -27.19
CA LEU E 134 -25.83 5.56 -27.82
C LEU E 134 -27.13 5.28 -27.07
N ARG E 135 -27.03 5.02 -25.77
CA ARG E 135 -28.17 4.56 -24.98
C ARG E 135 -27.98 4.99 -23.54
N GLY E 136 -29.09 5.14 -22.81
CA GLY E 136 -29.04 5.46 -21.41
C GLY E 136 -30.05 4.64 -20.61
N TYR E 137 -29.76 4.52 -19.32
CA TYR E 137 -30.59 3.75 -18.40
C TYR E 137 -30.78 4.50 -17.10
N ARG E 138 -31.96 4.32 -16.50
CA ARG E 138 -32.20 4.67 -15.10
C ARG E 138 -33.37 3.80 -14.64
N GLN E 139 -33.11 2.87 -13.73
CA GLN E 139 -34.15 1.98 -13.25
C GLN E 139 -33.94 1.68 -11.78
N ASP E 140 -35.05 1.47 -11.08
CA ASP E 140 -35.08 1.28 -9.64
C ASP E 140 -35.80 -0.02 -9.30
N ALA E 141 -35.37 -0.65 -8.21
CA ALA E 141 -36.03 -1.83 -7.69
C ALA E 141 -36.31 -1.65 -6.21
N TYR E 142 -37.44 -2.22 -5.77
CA TYR E 142 -37.77 -2.30 -4.36
C TYR E 142 -37.85 -3.76 -3.96
N ASP E 143 -37.13 -4.13 -2.91
CA ASP E 143 -37.05 -5.52 -2.45
C ASP E 143 -36.75 -6.49 -3.58
N GLY E 144 -35.80 -6.11 -4.44
CA GLY E 144 -35.34 -6.99 -5.51
C GLY E 144 -36.25 -7.16 -6.70
N LYS E 145 -37.29 -6.34 -6.84
CA LYS E 145 -38.21 -6.44 -7.97
C LYS E 145 -38.34 -5.09 -8.64
N ASP E 146 -38.52 -5.10 -9.97
CA ASP E 146 -38.65 -3.86 -10.72
C ASP E 146 -39.67 -2.93 -10.08
N TYR E 147 -39.30 -1.67 -9.95
CA TYR E 147 -40.21 -0.66 -9.39
C TYR E 147 -40.58 0.39 -10.43
N ILE E 148 -39.58 1.09 -10.98
CA ILE E 148 -39.83 1.99 -12.09
C ILE E 148 -38.55 2.08 -12.91
N ALA E 149 -38.70 2.29 -14.21
CA ALA E 149 -37.57 2.33 -15.14
C ALA E 149 -37.87 3.30 -16.25
N LEU E 150 -36.85 4.05 -16.65
CA LEU E 150 -36.95 4.91 -17.82
C LEU E 150 -36.88 4.06 -19.09
N ASN E 151 -37.81 4.32 -20.02
CA ASN E 151 -37.85 3.56 -21.26
C ASN E 151 -36.73 4.00 -22.20
N GLU E 152 -36.51 3.20 -23.24
CA GLU E 152 -35.38 3.46 -24.13
C GLU E 152 -35.50 4.84 -24.81
N ASP E 153 -36.71 5.33 -25.00
CA ASP E 153 -36.89 6.66 -25.59
C ASP E 153 -36.48 7.79 -24.66
N LEU E 154 -36.23 7.50 -23.37
CA LEU E 154 -35.84 8.49 -22.37
C LEU E 154 -36.91 9.56 -22.16
N ARG E 155 -38.16 9.23 -22.47
CA ARG E 155 -39.27 10.16 -22.26
C ARG E 155 -40.40 9.60 -21.45
N SER E 156 -40.49 8.29 -21.28
CA SER E 156 -41.60 7.64 -20.59
C SER E 156 -41.05 6.63 -19.59
N TRP E 157 -41.89 6.29 -18.61
CA TRP E 157 -41.53 5.38 -17.52
C TRP E 157 -42.34 4.08 -17.63
N THR E 158 -41.71 2.97 -17.23
CA THR E 158 -42.38 1.70 -17.01
C THR E 158 -42.37 1.43 -15.51
N ALA E 159 -43.55 1.32 -14.90
CA ALA E 159 -43.67 1.17 -13.46
C ALA E 159 -44.42 -0.11 -13.09
N ALA E 160 -44.00 -0.73 -11.99
CA ALA E 160 -44.73 -1.85 -11.43
C ALA E 160 -46.07 -1.38 -10.87
N ASP E 161 -46.80 -2.31 -10.25
CA ASP E 161 -48.12 -2.03 -9.72
C ASP E 161 -48.02 -1.30 -8.37
N MET E 162 -49.16 -0.79 -7.91
CA MET E 162 -49.35 -0.26 -6.55
C MET E 162 -48.50 1.01 -6.37
N ALA E 163 -47.58 1.05 -5.40
CA ALA E 163 -46.90 2.30 -5.05
C ALA E 163 -46.18 2.90 -6.27
N ALA E 164 -45.58 2.06 -7.11
CA ALA E 164 -44.83 2.58 -8.26
C ALA E 164 -45.72 3.34 -9.24
N GLN E 165 -47.02 3.01 -9.29
CA GLN E 165 -47.94 3.80 -10.12
C GLN E 165 -48.04 5.22 -9.60
N ILE E 166 -47.98 5.39 -8.27
CA ILE E 166 -47.95 6.73 -7.72
C ILE E 166 -46.66 7.43 -8.11
N THR E 167 -45.53 6.72 -8.02
CA THR E 167 -44.26 7.30 -8.43
C THR E 167 -44.32 7.75 -9.88
N LYS E 168 -44.83 6.87 -10.76
CA LYS E 168 -44.90 7.20 -12.18
C LYS E 168 -45.72 8.47 -12.40
N ARG E 169 -46.87 8.58 -11.73
CA ARG E 169 -47.68 9.80 -11.84
C ARG E 169 -46.90 11.01 -11.33
N LYS E 170 -46.21 10.85 -10.21
CA LYS E 170 -45.48 11.96 -9.61
C LYS E 170 -44.30 12.39 -10.48
N TRP E 171 -43.57 11.42 -11.05
CA TRP E 171 -42.43 11.78 -11.88
C TRP E 171 -42.87 12.33 -13.23
N GLU E 172 -44.02 11.90 -13.75
CA GLU E 172 -44.54 12.52 -14.97
C GLU E 172 -44.90 13.97 -14.73
N ALA E 173 -45.56 14.27 -13.62
CA ALA E 173 -45.95 15.64 -13.34
C ALA E 173 -44.73 16.52 -13.04
N ALA E 174 -43.66 15.94 -12.49
CA ALA E 174 -42.47 16.72 -12.15
C ALA E 174 -41.51 16.85 -13.32
N HIS E 175 -41.81 16.24 -14.46
CA HIS E 175 -40.90 16.18 -15.60
C HIS E 175 -39.53 15.64 -15.20
N ALA E 176 -39.56 14.56 -14.42
CA ALA E 176 -38.31 13.89 -14.03
C ALA E 176 -37.58 13.31 -15.24
N ALA E 177 -38.31 12.79 -16.23
CA ALA E 177 -37.66 12.10 -17.33
C ALA E 177 -36.79 13.04 -18.13
N GLU E 178 -37.25 14.29 -18.30
CA GLU E 178 -36.46 15.31 -18.98
C GLU E 178 -35.14 15.55 -18.27
N GLN E 179 -35.18 15.63 -16.94
CA GLN E 179 -33.96 15.84 -16.17
C GLN E 179 -33.08 14.60 -16.18
N GLN E 180 -33.67 13.41 -16.09
CA GLN E 180 -32.88 12.19 -16.18
C GLN E 180 -32.25 12.05 -17.56
N ARG E 181 -33.01 12.38 -18.61
CA ARG E 181 -32.46 12.30 -19.96
C ARG E 181 -31.31 13.28 -20.14
N ALA E 182 -31.46 14.50 -19.61
CA ALA E 182 -30.38 15.49 -19.69
C ALA E 182 -29.09 14.94 -19.10
N TYR E 183 -29.17 14.30 -17.92
CA TYR E 183 -27.97 13.72 -17.32
C TYR E 183 -27.39 12.63 -18.21
N LEU E 184 -28.22 11.71 -18.68
CA LEU E 184 -27.72 10.54 -19.38
C LEU E 184 -27.05 10.92 -20.70
N GLU E 185 -27.58 11.92 -21.39
CA GLU E 185 -27.02 12.35 -22.67
C GLU E 185 -25.94 13.42 -22.51
N GLY E 186 -25.86 14.06 -21.35
CA GLY E 186 -24.93 15.16 -21.15
C GLY E 186 -23.79 14.82 -20.22
N ARG E 187 -23.98 15.07 -18.92
CA ARG E 187 -22.93 14.85 -17.94
C ARG E 187 -22.42 13.41 -17.99
N CYS E 188 -23.32 12.42 -18.10
CA CYS E 188 -22.88 11.01 -18.11
C CYS E 188 -21.93 10.75 -19.28
N VAL E 189 -22.29 11.22 -20.47
CA VAL E 189 -21.45 10.97 -21.64
C VAL E 189 -20.15 11.77 -21.55
N GLU E 190 -20.25 13.03 -21.16
CA GLU E 190 -19.08 13.90 -21.05
C GLU E 190 -18.03 13.29 -20.13
N TRP E 191 -18.46 12.83 -18.96
CA TRP E 191 -17.49 12.33 -17.99
C TRP E 191 -16.98 10.94 -18.35
N LEU E 192 -17.82 10.10 -18.96
CA LEU E 192 -17.33 8.82 -19.47
C LEU E 192 -16.17 9.03 -20.45
N ARG E 193 -16.32 9.98 -21.39
CA ARG E 193 -15.25 10.26 -22.33
C ARG E 193 -13.99 10.69 -21.60
N ARG E 194 -14.13 11.55 -20.58
CA ARG E 194 -12.98 12.00 -19.82
C ARG E 194 -12.30 10.84 -19.12
N TYR E 195 -13.10 9.95 -18.52
CA TYR E 195 -12.54 8.77 -17.84
C TYR E 195 -11.82 7.86 -18.82
N LEU E 196 -12.42 7.62 -19.99
CA LEU E 196 -11.78 6.76 -20.98
C LEU E 196 -10.43 7.30 -21.41
N GLU E 197 -10.27 8.62 -21.47
CA GLU E 197 -9.00 9.21 -21.85
C GLU E 197 -8.00 9.19 -20.69
N ASN E 198 -8.41 9.68 -19.51
CA ASN E 198 -7.51 9.68 -18.36
C ASN E 198 -7.06 8.27 -17.99
N GLY E 199 -7.94 7.29 -18.14
CA GLY E 199 -7.59 5.91 -17.80
C GLY E 199 -7.43 5.03 -19.02
N LYS E 200 -6.97 5.62 -20.13
CA LYS E 200 -6.88 4.89 -21.39
C LYS E 200 -6.00 3.65 -21.28
N GLU E 201 -4.92 3.74 -20.50
CA GLU E 201 -3.96 2.64 -20.46
C GLU E 201 -4.58 1.36 -19.91
N THR E 202 -5.54 1.49 -18.99
CA THR E 202 -6.19 0.31 -18.44
C THR E 202 -7.62 0.11 -18.94
N LEU E 203 -8.36 1.19 -19.19
CA LEU E 203 -9.76 1.07 -19.61
C LEU E 203 -9.89 0.62 -21.06
N GLN E 204 -9.01 1.10 -21.95
CA GLN E 204 -9.15 0.74 -23.35
C GLN E 204 -8.31 -0.48 -23.73
N ARG E 205 -7.77 -1.19 -22.75
CA ARG E 205 -6.99 -2.39 -23.03
C ARG E 205 -7.91 -3.56 -23.38
N THR E 206 -7.32 -4.58 -24.02
CA THR E 206 -7.99 -5.86 -24.27
C THR E 206 -6.98 -6.97 -23.98
N ASP E 207 -7.13 -7.61 -22.82
CA ASP E 207 -6.30 -8.76 -22.47
C ASP E 207 -6.96 -10.01 -23.04
N PRO E 208 -6.33 -10.69 -24.01
CA PRO E 208 -6.97 -11.88 -24.58
C PRO E 208 -6.98 -13.02 -23.59
N PRO E 209 -7.91 -13.97 -23.72
CA PRO E 209 -7.95 -15.10 -22.80
C PRO E 209 -6.86 -16.11 -23.10
N LYS E 210 -6.31 -16.69 -22.03
CA LYS E 210 -5.46 -17.86 -22.15
C LYS E 210 -6.33 -19.10 -22.00
N THR E 211 -6.23 -20.02 -22.95
CA THR E 211 -7.19 -21.11 -23.07
C THR E 211 -6.49 -22.47 -22.99
N HIS E 212 -7.24 -23.45 -22.51
CA HIS E 212 -6.82 -24.85 -22.50
C HIS E 212 -8.05 -25.70 -22.24
N MET E 213 -7.92 -27.01 -22.52
CA MET E 213 -9.02 -27.94 -22.39
C MET E 213 -8.65 -29.04 -21.41
N THR E 214 -9.60 -29.40 -20.54
CA THR E 214 -9.44 -30.49 -19.60
C THR E 214 -10.45 -31.58 -19.90
N HIS E 215 -10.17 -32.78 -19.40
CA HIS E 215 -11.00 -33.95 -19.61
C HIS E 215 -11.32 -34.56 -18.26
N HIS E 216 -12.59 -34.93 -18.07
CA HIS E 216 -13.07 -35.43 -16.78
C HIS E 216 -13.96 -36.64 -17.03
N PRO E 217 -13.42 -37.85 -16.90
CA PRO E 217 -14.22 -39.05 -17.15
C PRO E 217 -15.40 -39.15 -16.20
N ILE E 218 -16.53 -39.62 -16.73
CA ILE E 218 -17.75 -39.81 -15.97
C ILE E 218 -18.05 -41.30 -15.78
N SER E 219 -18.01 -42.06 -16.87
CA SER E 219 -18.28 -43.48 -16.85
C SER E 219 -17.62 -44.08 -18.10
N ASP E 220 -17.85 -45.38 -18.32
CA ASP E 220 -17.34 -46.00 -19.54
C ASP E 220 -18.00 -45.44 -20.79
N HIS E 221 -19.13 -44.75 -20.64
CA HIS E 221 -19.88 -44.25 -21.79
C HIS E 221 -19.70 -42.75 -22.03
N GLU E 222 -19.38 -41.98 -20.99
CA GLU E 222 -19.43 -40.53 -21.08
C GLU E 222 -18.24 -39.90 -20.38
N ALA E 223 -17.89 -38.70 -20.84
CA ALA E 223 -16.85 -37.90 -20.22
C ALA E 223 -17.15 -36.43 -20.46
N THR E 224 -16.65 -35.58 -19.56
CA THR E 224 -16.80 -34.13 -19.66
C THR E 224 -15.56 -33.52 -20.30
N LEU E 225 -15.75 -32.72 -21.34
CA LEU E 225 -14.72 -31.84 -21.87
C LEU E 225 -14.99 -30.42 -21.39
N ARG E 226 -13.98 -29.80 -20.80
CA ARG E 226 -14.11 -28.47 -20.22
C ARG E 226 -13.11 -27.53 -20.89
N CYS E 227 -13.60 -26.40 -21.39
CA CYS E 227 -12.81 -25.44 -22.14
C CYS E 227 -12.63 -24.19 -21.28
N TRP E 228 -11.38 -23.88 -20.94
CA TRP E 228 -11.07 -22.82 -20.00
C TRP E 228 -10.63 -21.56 -20.72
N ALA E 229 -11.03 -20.41 -20.16
CA ALA E 229 -10.57 -19.10 -20.61
C ALA E 229 -10.19 -18.28 -19.39
N LEU E 230 -8.92 -17.87 -19.31
CA LEU E 230 -8.37 -17.26 -18.11
C LEU E 230 -7.70 -15.94 -18.43
N GLY E 231 -7.75 -15.02 -17.47
CA GLY E 231 -7.00 -13.78 -17.54
C GLY E 231 -7.41 -12.80 -18.63
N PHE E 232 -8.70 -12.72 -18.95
CA PHE E 232 -9.16 -11.87 -20.03
C PHE E 232 -9.86 -10.63 -19.50
N TYR E 233 -9.82 -9.56 -20.29
CA TYR E 233 -10.52 -8.30 -20.05
C TYR E 233 -10.83 -7.67 -21.40
N PRO E 234 -12.04 -7.14 -21.61
CA PRO E 234 -13.18 -7.04 -20.69
C PRO E 234 -13.85 -8.40 -20.45
N ALA E 235 -14.81 -8.45 -19.52
CA ALA E 235 -15.46 -9.71 -19.16
C ALA E 235 -16.24 -10.33 -20.32
N GLU E 236 -16.66 -9.53 -21.28
CA GLU E 236 -17.46 -10.05 -22.40
C GLU E 236 -16.67 -11.10 -23.18
N ILE E 237 -17.27 -12.28 -23.35
CA ILE E 237 -16.62 -13.40 -24.02
C ILE E 237 -17.71 -14.37 -24.42
N THR E 238 -17.45 -15.14 -25.47
CA THR E 238 -18.39 -16.15 -25.95
C THR E 238 -17.68 -17.47 -26.11
N LEU E 239 -18.15 -18.49 -25.38
CA LEU E 239 -17.61 -19.84 -25.44
C LEU E 239 -18.71 -20.76 -25.95
N THR E 240 -18.44 -21.45 -27.06
CA THR E 240 -19.42 -22.34 -27.66
C THR E 240 -18.76 -23.63 -28.09
N TRP E 241 -19.59 -24.67 -28.25
CA TRP E 241 -19.13 -25.99 -28.62
C TRP E 241 -19.72 -26.39 -29.96
N GLN E 242 -18.94 -27.09 -30.77
CA GLN E 242 -19.42 -27.69 -32.00
C GLN E 242 -19.05 -29.16 -32.01
N ARG E 243 -19.83 -29.94 -32.75
CA ARG E 243 -19.56 -31.37 -32.97
C ARG E 243 -19.57 -31.58 -34.48
N ASP E 244 -18.42 -31.95 -35.04
CA ASP E 244 -18.26 -32.11 -36.49
C ASP E 244 -18.63 -30.82 -37.22
N GLY E 245 -18.31 -29.68 -36.63
CA GLY E 245 -18.62 -28.41 -37.25
C GLY E 245 -20.06 -27.95 -37.13
N GLU E 246 -20.88 -28.66 -36.37
CA GLU E 246 -22.28 -28.28 -36.14
C GLU E 246 -22.45 -27.84 -34.70
N ASP E 247 -23.17 -26.73 -34.52
CA ASP E 247 -23.42 -26.21 -33.17
C ASP E 247 -23.94 -27.29 -32.25
N GLN E 248 -23.45 -27.29 -31.02
CA GLN E 248 -23.77 -28.29 -30.01
C GLN E 248 -24.42 -27.58 -28.84
N THR E 249 -25.71 -27.87 -28.61
CA THR E 249 -26.46 -27.24 -27.54
C THR E 249 -26.83 -28.19 -26.41
N GLN E 250 -26.88 -29.49 -26.66
CA GLN E 250 -27.29 -30.44 -25.65
C GLN E 250 -26.10 -30.84 -24.77
N ASP E 251 -26.38 -31.07 -23.48
CA ASP E 251 -25.38 -31.53 -22.53
C ASP E 251 -24.20 -30.56 -22.44
N THR E 252 -24.49 -29.27 -22.52
CA THR E 252 -23.48 -28.23 -22.41
C THR E 252 -23.77 -27.36 -21.18
N GLU E 253 -22.71 -26.81 -20.60
CA GLU E 253 -22.84 -25.97 -19.43
C GLU E 253 -21.84 -24.82 -19.49
N LEU E 254 -22.31 -23.62 -19.16
CA LEU E 254 -21.47 -22.44 -18.97
C LEU E 254 -21.55 -22.01 -17.51
N VAL E 255 -20.40 -21.73 -16.88
CA VAL E 255 -20.42 -21.11 -15.56
C VAL E 255 -20.41 -19.61 -15.72
N GLU E 256 -20.95 -18.92 -14.72
CA GLU E 256 -20.90 -17.47 -14.69
C GLU E 256 -19.45 -17.01 -14.71
N THR E 257 -19.17 -16.02 -15.55
CA THR E 257 -17.86 -15.39 -15.55
C THR E 257 -17.53 -14.85 -14.16
N ARG E 258 -16.29 -15.06 -13.73
CA ARG E 258 -15.89 -14.72 -12.37
C ARG E 258 -14.65 -13.85 -12.40
N PRO E 259 -14.50 -12.94 -11.43
CA PRO E 259 -13.32 -12.06 -11.40
C PRO E 259 -12.13 -12.78 -10.76
N ALA E 260 -10.97 -12.69 -11.41
CA ALA E 260 -9.76 -13.29 -10.81
C ALA E 260 -9.23 -12.46 -9.66
N GLY E 261 -9.64 -11.19 -9.56
CA GLY E 261 -9.20 -10.31 -8.48
C GLY E 261 -8.13 -9.33 -8.86
N ASP E 262 -7.52 -9.48 -10.04
CA ASP E 262 -6.47 -8.60 -10.53
C ASP E 262 -6.95 -7.76 -11.70
N GLY E 263 -8.26 -7.64 -11.88
CA GLY E 263 -8.82 -6.93 -13.01
C GLY E 263 -9.08 -7.78 -14.24
N THR E 264 -8.76 -9.06 -14.19
CA THR E 264 -9.08 -9.99 -15.27
C THR E 264 -10.22 -10.89 -14.84
N PHE E 265 -10.74 -11.67 -15.79
CA PHE E 265 -11.87 -12.53 -15.54
C PHE E 265 -11.57 -13.95 -16.00
N GLN E 266 -12.43 -14.88 -15.59
CA GLN E 266 -12.26 -16.30 -15.85
C GLN E 266 -13.62 -16.89 -16.21
N LYS E 267 -13.60 -17.91 -17.05
CA LYS E 267 -14.82 -18.58 -17.47
C LYS E 267 -14.46 -19.92 -18.07
N TRP E 268 -15.41 -20.87 -18.02
CA TRP E 268 -15.23 -22.13 -18.72
C TRP E 268 -16.57 -22.64 -19.25
N ALA E 269 -16.48 -23.48 -20.29
CA ALA E 269 -17.60 -24.12 -20.93
C ALA E 269 -17.38 -25.61 -20.95
N ALA E 270 -18.43 -26.39 -20.69
CA ALA E 270 -18.32 -27.83 -20.60
C ALA E 270 -19.34 -28.50 -21.51
N VAL E 271 -18.99 -29.69 -21.98
CA VAL E 271 -19.90 -30.53 -22.75
C VAL E 271 -19.68 -31.98 -22.33
N VAL E 272 -20.75 -32.76 -22.32
CA VAL E 272 -20.66 -34.20 -22.09
C VAL E 272 -20.59 -34.91 -23.42
N VAL E 273 -19.56 -35.73 -23.62
CA VAL E 273 -19.34 -36.39 -24.91
C VAL E 273 -19.33 -37.91 -24.74
N PRO E 274 -19.68 -38.68 -25.77
CA PRO E 274 -19.48 -40.13 -25.71
C PRO E 274 -18.01 -40.49 -25.69
N SER E 275 -17.69 -41.56 -24.96
CA SER E 275 -16.30 -42.00 -24.85
C SER E 275 -15.75 -42.34 -26.21
N GLY E 276 -14.49 -41.95 -26.45
CA GLY E 276 -13.84 -42.16 -27.73
C GLY E 276 -14.11 -41.11 -28.77
N GLU E 277 -15.13 -40.27 -28.58
CA GLU E 277 -15.50 -39.26 -29.57
C GLU E 277 -15.04 -37.85 -29.17
N GLU E 278 -14.08 -37.75 -28.25
CA GLU E 278 -13.68 -36.45 -27.72
C GLU E 278 -13.21 -35.50 -28.83
N GLN E 279 -12.55 -36.04 -29.85
CA GLN E 279 -11.94 -35.19 -30.86
C GLN E 279 -12.93 -34.70 -31.92
N ARG E 280 -14.16 -35.19 -31.90
CA ARG E 280 -15.19 -34.65 -32.78
C ARG E 280 -15.67 -33.27 -32.32
N TYR E 281 -15.42 -32.93 -31.06
CA TYR E 281 -15.91 -31.70 -30.47
C TYR E 281 -14.83 -30.62 -30.51
N THR E 282 -15.25 -29.40 -30.80
CA THR E 282 -14.36 -28.25 -30.80
C THR E 282 -14.97 -27.15 -29.92
N CYS E 283 -14.12 -26.54 -29.11
CA CYS E 283 -14.48 -25.36 -28.35
C CYS E 283 -14.06 -24.11 -29.11
N HIS E 284 -14.94 -23.12 -29.16
CA HIS E 284 -14.72 -21.89 -29.91
C HIS E 284 -14.79 -20.69 -28.98
N VAL E 285 -13.76 -19.85 -29.02
CA VAL E 285 -13.61 -18.74 -28.08
C VAL E 285 -13.57 -17.45 -28.88
N GLN E 286 -14.49 -16.54 -28.57
CA GLN E 286 -14.53 -15.22 -29.19
C GLN E 286 -14.34 -14.18 -28.10
N HIS E 287 -13.46 -13.23 -28.34
CA HIS E 287 -13.15 -12.18 -27.38
C HIS E 287 -12.53 -11.01 -28.11
N GLU E 288 -12.83 -9.80 -27.62
CA GLU E 288 -12.34 -8.58 -28.25
C GLU E 288 -10.82 -8.56 -28.38
N GLY E 289 -10.11 -9.30 -27.53
CA GLY E 289 -8.66 -9.32 -27.53
C GLY E 289 -8.03 -10.36 -28.43
N LEU E 290 -8.82 -11.07 -29.23
CA LEU E 290 -8.34 -12.11 -30.11
C LEU E 290 -8.46 -11.66 -31.56
N PRO E 291 -7.36 -11.68 -32.33
CA PRO E 291 -7.46 -11.28 -33.75
C PRO E 291 -8.47 -12.10 -34.52
N LYS E 292 -8.46 -13.42 -34.36
CA LYS E 292 -9.46 -14.32 -34.90
C LYS E 292 -9.99 -15.16 -33.76
N PRO E 293 -11.20 -15.70 -33.89
CA PRO E 293 -11.68 -16.63 -32.87
C PRO E 293 -10.77 -17.85 -32.76
N LEU E 294 -10.70 -18.40 -31.55
CA LEU E 294 -9.91 -19.58 -31.29
C LEU E 294 -10.75 -20.84 -31.44
N THR E 295 -10.07 -21.93 -31.80
CA THR E 295 -10.69 -23.24 -31.91
C THR E 295 -9.80 -24.24 -31.19
N LEU E 296 -10.33 -24.84 -30.13
CA LEU E 296 -9.61 -25.84 -29.35
C LEU E 296 -10.22 -27.21 -29.57
N ARG E 297 -9.37 -28.22 -29.59
CA ARG E 297 -9.79 -29.61 -29.72
C ARG E 297 -8.96 -30.46 -28.77
N TRP E 298 -9.59 -31.45 -28.14
CA TRP E 298 -8.87 -32.32 -27.23
C TRP E 298 -7.70 -33.01 -27.93
N GLU E 299 -6.58 -33.13 -27.22
CA GLU E 299 -5.36 -33.66 -27.83
C GLU E 299 -5.13 -35.12 -27.49
N ILE F 2 -39.19 -11.16 -2.32
CA ILE F 2 -38.51 -12.27 -2.97
C ILE F 2 -37.18 -12.56 -2.27
N GLN F 3 -36.69 -13.79 -2.43
CA GLN F 3 -35.41 -14.19 -1.86
C GLN F 3 -34.70 -15.10 -2.85
N ARG F 4 -33.40 -14.86 -3.03
CA ARG F 4 -32.61 -15.60 -4.00
C ARG F 4 -31.38 -16.16 -3.30
N THR F 5 -31.14 -17.46 -3.48
CA THR F 5 -30.05 -18.10 -2.77
C THR F 5 -28.72 -17.84 -3.48
N PRO F 6 -27.63 -17.69 -2.73
CA PRO F 6 -26.36 -17.35 -3.36
C PRO F 6 -25.78 -18.50 -4.18
N LYS F 7 -25.15 -18.13 -5.29
CA LYS F 7 -24.26 -19.03 -6.01
C LYS F 7 -22.85 -18.82 -5.50
N ILE F 8 -22.06 -19.90 -5.44
CA ILE F 8 -20.74 -19.86 -4.81
C ILE F 8 -19.72 -20.52 -5.73
N GLN F 9 -18.64 -19.80 -6.04
CA GLN F 9 -17.47 -20.38 -6.70
C GLN F 9 -16.25 -20.11 -5.83
N VAL F 10 -15.41 -21.12 -5.65
CA VAL F 10 -14.15 -20.97 -4.93
C VAL F 10 -13.03 -21.40 -5.87
N TYR F 11 -11.98 -20.57 -5.94
CA TYR F 11 -10.98 -20.74 -6.98
C TYR F 11 -9.80 -19.84 -6.68
N SER F 12 -8.68 -20.12 -7.33
CA SER F 12 -7.47 -19.33 -7.18
C SER F 12 -7.35 -18.32 -8.32
N ARG F 13 -6.69 -17.18 -8.01
CA ARG F 13 -6.41 -16.19 -9.04
C ARG F 13 -5.59 -16.80 -10.17
N HIS F 14 -4.49 -17.47 -9.84
CA HIS F 14 -3.61 -18.08 -10.82
C HIS F 14 -3.64 -19.60 -10.68
N PRO F 15 -3.25 -20.33 -11.72
CA PRO F 15 -3.16 -21.80 -11.60
C PRO F 15 -2.31 -22.20 -10.40
N ALA F 16 -2.87 -23.08 -9.56
CA ALA F 16 -2.24 -23.40 -8.29
C ALA F 16 -0.95 -24.17 -8.49
N GLU F 17 0.09 -23.76 -7.76
CA GLU F 17 1.36 -24.48 -7.71
C GLU F 17 1.77 -24.59 -6.25
N ASN F 18 1.87 -25.82 -5.74
CA ASN F 18 2.20 -26.03 -4.34
C ASN F 18 3.46 -25.29 -3.95
N GLY F 19 3.36 -24.43 -2.95
CA GLY F 19 4.48 -23.69 -2.42
C GLY F 19 4.68 -22.30 -3.00
N LYS F 20 3.88 -21.91 -4.00
CA LYS F 20 3.96 -20.58 -4.60
C LYS F 20 2.77 -19.74 -4.16
N SER F 21 3.05 -18.48 -3.79
CA SER F 21 2.02 -17.58 -3.30
C SER F 21 0.95 -17.34 -4.37
N ASN F 22 -0.30 -17.26 -3.93
CA ASN F 22 -1.44 -17.10 -4.84
C ASN F 22 -2.51 -16.30 -4.10
N PHE F 23 -3.71 -16.26 -4.68
CA PHE F 23 -4.85 -15.62 -4.03
C PHE F 23 -6.03 -16.58 -4.08
N LEU F 24 -6.70 -16.75 -2.94
CA LEU F 24 -7.88 -17.60 -2.84
C LEU F 24 -9.13 -16.74 -2.91
N ASN F 25 -10.03 -17.09 -3.82
CA ASN F 25 -11.22 -16.31 -4.14
C ASN F 25 -12.47 -17.09 -3.77
N CYS F 26 -13.46 -16.39 -3.20
CA CYS F 26 -14.80 -16.93 -3.06
C CYS F 26 -15.76 -15.90 -3.63
N TYR F 27 -16.36 -16.22 -4.77
CA TYR F 27 -17.21 -15.31 -5.50
C TYR F 27 -18.65 -15.75 -5.26
N VAL F 28 -19.42 -14.89 -4.59
CA VAL F 28 -20.83 -15.15 -4.30
C VAL F 28 -21.68 -14.22 -5.15
N SER F 29 -22.66 -14.78 -5.85
CA SER F 29 -23.47 -14.01 -6.78
C SER F 29 -24.90 -14.53 -6.77
N GLY F 30 -25.79 -13.76 -7.42
CA GLY F 30 -27.17 -14.16 -7.60
C GLY F 30 -28.03 -14.15 -6.36
N PHE F 31 -27.63 -13.46 -5.29
CA PHE F 31 -28.38 -13.51 -4.05
C PHE F 31 -29.12 -12.20 -3.80
N HIS F 32 -30.08 -12.28 -2.88
CA HIS F 32 -30.95 -11.18 -2.45
C HIS F 32 -31.73 -11.65 -1.23
N PRO F 33 -31.75 -10.89 -0.13
CA PRO F 33 -31.16 -9.57 0.08
C PRO F 33 -29.64 -9.61 0.16
N SER F 34 -29.01 -8.46 0.39
CA SER F 34 -27.58 -8.31 0.24
C SER F 34 -26.79 -8.77 1.47
N ASP F 35 -27.42 -8.81 2.65
CA ASP F 35 -26.69 -9.24 3.84
C ASP F 35 -26.30 -10.71 3.69
N ILE F 36 -25.04 -11.01 3.94
CA ILE F 36 -24.50 -12.34 3.71
C ILE F 36 -23.26 -12.51 4.58
N GLU F 37 -23.01 -13.75 4.99
CA GLU F 37 -21.82 -14.11 5.77
C GLU F 37 -20.94 -14.98 4.90
N VAL F 38 -19.69 -14.55 4.70
CA VAL F 38 -18.73 -15.30 3.89
C VAL F 38 -17.42 -15.38 4.64
N ASP F 39 -16.92 -16.59 4.83
CA ASP F 39 -15.65 -16.86 5.48
C ASP F 39 -14.81 -17.77 4.60
N LEU F 40 -13.52 -17.49 4.55
CA LEU F 40 -12.56 -18.41 3.94
C LEU F 40 -11.95 -19.25 5.04
N LEU F 41 -11.90 -20.56 4.83
CA LEU F 41 -11.43 -21.51 5.84
C LEU F 41 -10.11 -22.13 5.42
N LYS F 42 -9.21 -22.30 6.39
CA LYS F 42 -7.97 -23.05 6.23
C LYS F 42 -8.02 -24.21 7.22
N ASN F 43 -8.18 -25.43 6.71
CA ASN F 43 -8.32 -26.61 7.55
C ASN F 43 -9.48 -26.44 8.54
N GLY F 44 -10.55 -25.82 8.08
CA GLY F 44 -11.75 -25.64 8.88
C GLY F 44 -11.75 -24.44 9.79
N GLU F 45 -10.62 -23.73 9.92
CA GLU F 45 -10.54 -22.54 10.75
C GLU F 45 -10.70 -21.28 9.90
N ARG F 46 -11.35 -20.27 10.47
CA ARG F 46 -11.60 -19.02 9.76
CA ARG F 46 -11.60 -19.02 9.76
C ARG F 46 -10.29 -18.27 9.54
N ILE F 47 -10.05 -17.87 8.29
CA ILE F 47 -8.91 -17.02 7.96
C ILE F 47 -9.23 -15.60 8.36
N GLU F 48 -8.26 -14.89 8.95
CA GLU F 48 -8.49 -13.56 9.52
C GLU F 48 -8.25 -12.42 8.54
N LYS F 49 -7.48 -12.64 7.48
CA LYS F 49 -7.05 -11.54 6.62
C LYS F 49 -8.09 -11.14 5.58
N VAL F 50 -9.21 -11.85 5.50
CA VAL F 50 -10.04 -11.83 4.30
C VAL F 50 -10.58 -10.43 4.02
N GLU F 51 -10.41 -9.99 2.78
CA GLU F 51 -11.01 -8.76 2.27
C GLU F 51 -12.09 -9.11 1.25
N HIS F 52 -12.91 -8.11 0.93
CA HIS F 52 -14.00 -8.33 0.00
C HIS F 52 -14.24 -7.07 -0.82
N SER F 53 -14.83 -7.26 -2.00
CA SER F 53 -15.12 -6.16 -2.91
C SER F 53 -16.33 -5.35 -2.41
N ASP F 54 -16.52 -4.18 -3.04
CA ASP F 54 -17.65 -3.32 -2.71
C ASP F 54 -18.94 -3.92 -3.27
N LEU F 55 -20.02 -3.82 -2.50
CA LEU F 55 -21.30 -4.40 -2.91
C LEU F 55 -21.79 -3.81 -4.23
N SER F 56 -22.05 -4.68 -5.19
CA SER F 56 -22.63 -4.29 -6.47
C SER F 56 -23.73 -5.30 -6.81
N PHE F 57 -24.39 -5.10 -7.95
CA PHE F 57 -25.45 -6.01 -8.33
C PHE F 57 -25.58 -6.08 -9.85
N SER F 58 -26.27 -7.12 -10.30
CA SER F 58 -26.42 -7.40 -11.71
C SER F 58 -27.70 -6.78 -12.25
N LYS F 59 -27.96 -7.01 -13.53
CA LYS F 59 -29.11 -6.41 -14.20
C LYS F 59 -30.42 -6.87 -13.57
N ASP F 60 -30.49 -8.13 -13.13
CA ASP F 60 -31.69 -8.64 -12.48
C ASP F 60 -31.72 -8.31 -11.00
N TRP F 61 -30.90 -7.36 -10.57
CA TRP F 61 -30.87 -6.83 -9.22
C TRP F 61 -30.20 -7.76 -8.22
N SER F 62 -29.76 -8.95 -8.61
CA SER F 62 -29.11 -9.84 -7.66
C SER F 62 -27.69 -9.35 -7.36
N PHE F 63 -27.28 -9.52 -6.11
CA PHE F 63 -26.02 -8.98 -5.64
C PHE F 63 -24.86 -9.93 -5.96
N TYR F 64 -23.64 -9.38 -5.90
CA TYR F 64 -22.45 -10.21 -6.04
C TYR F 64 -21.29 -9.56 -5.29
N LEU F 65 -20.41 -10.42 -4.76
CA LEU F 65 -19.28 -10.01 -3.96
C LEU F 65 -18.14 -10.98 -4.19
N LEU F 66 -16.91 -10.46 -4.16
CA LEU F 66 -15.72 -11.28 -4.21
C LEU F 66 -15.01 -11.18 -2.86
N TYR F 67 -14.86 -12.31 -2.17
CA TYR F 67 -14.05 -12.39 -0.96
C TYR F 67 -12.72 -13.05 -1.31
N TYR F 68 -11.62 -12.52 -0.80
CA TYR F 68 -10.33 -13.01 -1.24
C TYR F 68 -9.27 -12.82 -0.15
N THR F 69 -8.25 -13.67 -0.20
CA THR F 69 -7.10 -13.54 0.69
C THR F 69 -5.89 -14.17 0.00
N GLU F 70 -4.71 -13.63 0.31
CA GLU F 70 -3.49 -14.23 -0.17
C GLU F 70 -3.26 -15.56 0.53
N PHE F 71 -2.85 -16.58 -0.23
CA PHE F 71 -2.56 -17.87 0.37
C PHE F 71 -1.48 -18.58 -0.43
N THR F 72 -0.94 -19.63 0.18
CA THR F 72 0.07 -20.49 -0.46
C THR F 72 -0.48 -21.91 -0.48
N PRO F 73 -0.85 -22.46 -1.64
CA PRO F 73 -1.39 -23.82 -1.67
C PRO F 73 -0.31 -24.82 -1.29
N THR F 74 -0.71 -25.80 -0.48
CA THR F 74 0.12 -26.95 -0.15
C THR F 74 -0.65 -28.22 -0.49
N GLU F 75 -0.03 -29.37 -0.27
CA GLU F 75 -0.73 -30.61 -0.60
C GLU F 75 -1.65 -31.06 0.53
N LYS F 76 -1.29 -30.79 1.77
CA LYS F 76 -2.12 -31.24 2.89
C LYS F 76 -3.21 -30.25 3.26
N ASP F 77 -2.98 -28.95 3.13
CA ASP F 77 -3.93 -27.96 3.63
C ASP F 77 -5.17 -27.91 2.74
N GLU F 78 -6.34 -27.90 3.38
CA GLU F 78 -7.61 -27.88 2.69
C GLU F 78 -8.25 -26.51 2.88
N TYR F 79 -8.64 -25.90 1.76
CA TYR F 79 -9.23 -24.58 1.79
C TYR F 79 -10.70 -24.67 1.37
N ALA F 80 -11.49 -23.73 1.89
CA ALA F 80 -12.93 -23.80 1.69
C ALA F 80 -13.53 -22.42 1.88
N CYS F 81 -14.73 -22.26 1.35
CA CYS F 81 -15.54 -21.06 1.54
C CYS F 81 -16.82 -21.44 2.26
N ARG F 82 -17.13 -20.72 3.34
CA ARG F 82 -18.35 -20.96 4.11
C ARG F 82 -19.27 -19.76 3.97
N VAL F 83 -20.47 -19.99 3.47
CA VAL F 83 -21.42 -18.92 3.18
C VAL F 83 -22.73 -19.21 3.91
N ASN F 84 -23.20 -18.22 4.65
CA ASN F 84 -24.54 -18.26 5.21
C ASN F 84 -25.35 -17.09 4.66
N HIS F 85 -26.66 -17.30 4.57
CA HIS F 85 -27.59 -16.36 3.98
C HIS F 85 -28.98 -16.67 4.50
N VAL F 86 -29.87 -15.67 4.45
CA VAL F 86 -31.23 -15.88 4.95
C VAL F 86 -31.92 -17.02 4.23
N THR F 87 -31.53 -17.30 2.98
CA THR F 87 -32.14 -18.39 2.23
C THR F 87 -31.59 -19.76 2.60
N LEU F 88 -30.54 -19.83 3.39
CA LEU F 88 -29.87 -21.08 3.70
C LEU F 88 -30.25 -21.51 5.12
N SER F 89 -30.69 -22.77 5.26
CA SER F 89 -31.04 -23.28 6.57
CA SER F 89 -31.04 -23.29 6.57
C SER F 89 -29.82 -23.51 7.44
N GLN F 90 -28.66 -23.78 6.82
CA GLN F 90 -27.40 -23.94 7.53
C GLN F 90 -26.30 -23.43 6.61
N PRO F 91 -25.18 -22.96 7.16
CA PRO F 91 -24.06 -22.53 6.31
C PRO F 91 -23.67 -23.62 5.33
N LYS F 92 -23.38 -23.21 4.09
CA LYS F 92 -22.94 -24.12 3.05
C LYS F 92 -21.43 -24.00 2.88
N ILE F 93 -20.73 -25.12 3.03
CA ILE F 93 -19.28 -25.18 2.87
C ILE F 93 -18.99 -25.65 1.45
N VAL F 94 -18.18 -24.88 0.73
CA VAL F 94 -17.68 -25.28 -0.59
C VAL F 94 -16.17 -25.38 -0.50
N LYS F 95 -15.64 -26.59 -0.71
CA LYS F 95 -14.21 -26.83 -0.65
C LYS F 95 -13.52 -26.36 -1.94
N TRP F 96 -12.30 -25.83 -1.77
CA TRP F 96 -11.51 -25.42 -2.93
C TRP F 96 -10.95 -26.66 -3.62
N ASP F 97 -11.27 -26.80 -4.91
CA ASP F 97 -10.68 -27.80 -5.78
C ASP F 97 -9.85 -27.06 -6.83
N ARG F 98 -8.55 -27.30 -6.85
CA ARG F 98 -7.68 -26.58 -7.78
C ARG F 98 -7.91 -27.00 -9.24
N ASP F 99 -8.91 -27.83 -9.54
CA ASP F 99 -9.18 -28.26 -10.90
C ASP F 99 -10.55 -27.76 -11.37
N SER G 1 6.14 23.75 6.41
CA SER G 1 7.58 23.72 6.16
C SER G 1 8.34 24.13 7.39
N VAL G 2 9.32 23.31 7.79
CA VAL G 2 10.01 23.50 9.06
C VAL G 2 10.85 24.78 9.04
N LEU G 3 11.27 25.20 10.24
CA LEU G 3 12.17 26.34 10.37
C LEU G 3 13.56 25.96 9.86
N ASN G 4 14.34 27.01 9.55
CA ASN G 4 15.68 26.84 9.00
C ASN G 4 16.78 27.57 9.77
N ASP G 5 16.45 28.50 10.67
CA ASP G 5 17.46 29.22 11.45
C ASP G 5 17.67 28.50 12.78
N ILE G 6 18.82 27.85 12.91
CA ILE G 6 19.12 26.96 14.02
C ILE G 6 19.91 27.73 15.08
N PHE G 7 19.38 27.75 16.31
CA PHE G 7 20.00 28.47 17.42
C PHE G 7 20.63 27.46 18.37
N SER G 8 21.94 27.56 18.56
CA SER G 8 22.59 26.76 19.60
C SER G 8 22.21 27.29 20.97
N ARG G 9 21.83 26.39 21.87
CA ARG G 9 21.36 26.86 23.17
C ARG G 9 22.52 27.22 24.10
N LEU G 10 23.67 26.59 23.93
CA LEU G 10 24.84 26.85 24.77
C LEU G 10 26.13 26.77 23.93
N SER H 1 14.37 5.11 -22.09
CA SER H 1 13.59 4.67 -23.23
C SER H 1 14.34 3.58 -24.00
N VAL H 2 13.65 2.46 -24.23
CA VAL H 2 14.29 1.26 -24.78
C VAL H 2 14.55 1.44 -26.28
N LEU H 3 15.38 0.54 -26.81
CA LEU H 3 15.67 0.54 -28.24
C LEU H 3 14.45 0.08 -29.02
N ASN H 4 14.40 0.47 -30.29
CA ASN H 4 13.27 0.14 -31.15
C ASN H 4 13.64 -0.66 -32.40
N ASP H 5 14.90 -0.73 -32.80
CA ASP H 5 15.30 -1.49 -33.98
C ASP H 5 15.67 -2.90 -33.56
N ILE H 6 14.85 -3.88 -33.97
CA ILE H 6 14.90 -5.25 -33.47
C ILE H 6 15.57 -6.13 -34.51
N PHE H 7 16.69 -6.75 -34.15
CA PHE H 7 17.47 -7.56 -35.08
C PHE H 7 17.25 -9.03 -34.80
N SER H 8 16.76 -9.77 -35.79
CA SER H 8 16.74 -11.22 -35.68
C SER H 8 18.17 -11.74 -35.71
N ARG H 9 18.46 -12.68 -34.80
CA ARG H 9 19.81 -13.24 -34.75
C ARG H 9 20.03 -14.32 -35.79
N LEU H 10 18.99 -15.05 -36.18
CA LEU H 10 19.15 -16.10 -37.17
C LEU H 10 17.95 -16.13 -38.12
N SER I 1 -19.22 10.69 -13.25
CA SER I 1 -19.86 11.72 -12.43
C SER I 1 -21.31 11.32 -12.23
N VAL I 2 -21.77 11.33 -10.97
CA VAL I 2 -23.09 10.80 -10.64
C VAL I 2 -24.17 11.83 -10.97
N LEU I 3 -25.43 11.35 -11.01
CA LEU I 3 -26.56 12.23 -11.25
C LEU I 3 -26.74 13.19 -10.08
N ASN I 4 -27.43 14.30 -10.34
CA ASN I 4 -27.63 15.32 -9.34
C ASN I 4 -29.08 15.71 -9.11
N ASP I 5 -30.01 15.38 -10.03
CA ASP I 5 -31.43 15.67 -9.84
C ASP I 5 -32.11 14.48 -9.17
N ILE I 6 -32.53 14.68 -7.92
CA ILE I 6 -33.00 13.62 -7.05
C ILE I 6 -34.52 13.64 -7.04
N PHE I 7 -35.14 12.52 -7.40
CA PHE I 7 -36.60 12.42 -7.47
C PHE I 7 -37.11 11.59 -6.31
N SER I 8 -37.89 12.20 -5.43
N SER I 8 -37.89 12.20 -5.43
CA SER I 8 -38.60 11.44 -4.42
CA SER I 8 -38.59 11.43 -4.42
C SER I 8 -39.60 10.50 -5.09
C SER I 8 -39.60 10.50 -5.08
N ARG I 9 -39.64 9.25 -4.63
CA ARG I 9 -40.56 8.29 -5.24
C ARG I 9 -41.98 8.46 -4.71
N LEU I 10 -42.14 8.87 -3.47
CA LEU I 10 -43.46 9.00 -2.87
C LEU I 10 -43.53 10.27 -2.04
#